data_6AEO
#
_entry.id   6AEO
#
_cell.length_a   45.353
_cell.length_b   108.887
_cell.length_c   236.878
_cell.angle_alpha   90.00
_cell.angle_beta   90.00
_cell.angle_gamma   90.00
#
_symmetry.space_group_name_H-M   'P 21 21 21'
#
loop_
_entity.id
_entity.type
_entity.pdbx_description
1 polymer 'Maltose/maltodextrin-binding periplasmic protein,TssL'
2 non-polymer GLYCEROL
3 water water
#
_entity_poly.entity_id   1
_entity_poly.type   'polypeptide(L)'
_entity_poly.pdbx_seq_one_letter_code
;MGKIEEGKLVIWINGDKGYNGLAEVGKKFEKDTGIKVTVEHPDKLEEKFPQVAATGDGPDIIFWAHDRFGGYAQSGLLAE
ITPDKAFQDKLYPFTWDAVRYNGKLIAYPIAVEALSLIYNKDLLPNPPKTWEEIPALDKELKAKGKSALMFNLQEPYFTW
PLIAADGGYAFKYENGKYDIKDVGVDNAGAKAGLTFLVDLIKNKHMNADTDYSIAEAAFNKGETAMTINGPWAWSNIDTS
KVNYGVTVLPTFKGQPSKPFVGVLSAGINAASPNKELAKEFLENYLLTDEGLEAVNKDKPLGAVALKSYEEELAKDPRIA
ATMENAQKGEIMPNIPQMSAFWYAVRTAVINAASGRQTVDEALKDAQTNAAAHMDQSRALRNAILAWTPPQPRKINIMET
LPQPLPQILSEGWLEVRADPRGWLLIFTSDGAFATGQSKLSEEFKKKRNIERLGEALAPWPGDLEVIGHTDNKPYRNTSN
NSNLKLSEARAQTVADKLRESLANSKYNRTVTSVGKGDQEPLDDNATEEGRRRNRRVDILWKIGEREMASPSATLNQAGV
AAEVPEDN
;
_entity_poly.pdbx_strand_id   A,B
#
loop_
_chem_comp.id
_chem_comp.type
_chem_comp.name
_chem_comp.formula
GOL non-polymer GLYCEROL 'C3 H8 O3'
#
# COMPACT_ATOMS: atom_id res chain seq x y z
N LYS A 3 34.57 18.44 -26.63
CA LYS A 3 33.82 19.66 -26.38
C LYS A 3 32.31 19.44 -26.57
N ILE A 4 31.52 19.96 -25.64
CA ILE A 4 30.07 19.77 -25.66
C ILE A 4 29.43 20.75 -26.63
N GLU A 5 28.51 20.26 -27.42
CA GLU A 5 27.80 21.00 -28.43
C GLU A 5 26.71 21.93 -27.94
N GLU A 6 26.92 23.24 -27.99
CA GLU A 6 25.93 24.20 -27.54
C GLU A 6 24.70 24.11 -28.42
N GLY A 7 23.54 24.34 -27.83
CA GLY A 7 22.29 24.27 -28.57
C GLY A 7 21.60 22.94 -28.72
N LYS A 8 22.09 21.91 -28.03
CA LYS A 8 21.51 20.58 -28.06
C LYS A 8 21.85 19.87 -26.77
N LEU A 9 21.24 18.71 -26.52
CA LEU A 9 21.49 17.92 -25.32
C LEU A 9 21.89 16.47 -25.58
N VAL A 10 22.98 16.04 -24.97
CA VAL A 10 23.42 14.68 -25.10
C VAL A 10 23.23 14.09 -23.71
N ILE A 11 22.45 13.02 -23.64
CA ILE A 11 22.12 12.36 -22.38
C ILE A 11 22.74 10.96 -22.37
N TRP A 12 23.41 10.63 -21.28
CA TRP A 12 23.94 9.29 -21.04
C TRP A 12 23.08 8.60 -19.99
N ILE A 13 22.60 7.40 -20.30
CA ILE A 13 21.90 6.53 -19.37
C ILE A 13 22.35 5.10 -19.65
N ASN A 14 22.34 4.27 -18.61
CA ASN A 14 22.91 2.94 -18.70
C ASN A 14 22.11 2.07 -19.67
N GLY A 15 22.75 1.00 -20.14
CA GLY A 15 22.13 0.14 -21.15
C GLY A 15 20.94 -0.65 -20.65
N ASP A 16 20.85 -0.87 -19.34
CA ASP A 16 19.76 -1.69 -18.82
C ASP A 16 18.52 -0.88 -18.44
N LYS A 17 18.50 0.41 -18.77
CA LYS A 17 17.35 1.26 -18.52
C LYS A 17 16.55 1.46 -19.81
N GLY A 18 15.41 2.13 -19.68
CA GLY A 18 14.56 2.41 -20.82
C GLY A 18 15.03 3.60 -21.64
N TYR A 19 16.22 3.49 -22.25
CA TYR A 19 16.75 4.62 -23.01
C TYR A 19 15.89 4.96 -24.22
N ASN A 20 15.15 4.00 -24.76
CA ASN A 20 14.27 4.30 -25.89
C ASN A 20 13.10 5.19 -25.47
N GLY A 21 12.55 4.96 -24.28
CA GLY A 21 11.50 5.83 -23.78
C GLY A 21 12.02 7.20 -23.41
N LEU A 22 13.27 7.26 -22.91
CA LEU A 22 13.93 8.54 -22.69
C LEU A 22 14.07 9.31 -24.00
N ALA A 23 14.39 8.60 -25.10
CA ALA A 23 14.49 9.24 -26.41
C ALA A 23 13.16 9.83 -26.85
N GLU A 24 12.05 9.13 -26.57
CA GLU A 24 10.74 9.67 -26.90
C GLU A 24 10.48 10.98 -26.18
N VAL A 25 10.81 11.05 -24.88
CA VAL A 25 10.67 12.30 -24.14
C VAL A 25 11.53 13.38 -24.78
N GLY A 26 12.71 13.00 -25.28
CA GLY A 26 13.53 13.96 -26.01
C GLY A 26 12.86 14.46 -27.28
N LYS A 27 12.20 13.55 -28.01
CA LYS A 27 11.48 13.94 -29.22
C LYS A 27 10.43 15.00 -28.92
N LYS A 28 9.60 14.77 -27.91
CA LYS A 28 8.60 15.77 -27.51
C LYS A 28 9.26 17.07 -27.07
N PHE A 29 10.44 16.99 -26.44
CA PHE A 29 11.16 18.22 -26.13
C PHE A 29 11.51 18.99 -27.40
N GLU A 30 11.95 18.27 -28.44
CA GLU A 30 12.30 18.90 -29.71
C GLU A 30 11.09 19.54 -30.37
N LYS A 31 10.02 18.76 -30.59
CA LYS A 31 8.79 19.30 -31.14
C LYS A 31 8.35 20.58 -30.44
N ASP A 32 8.39 20.61 -29.11
CA ASP A 32 7.88 21.77 -28.38
C ASP A 32 8.84 22.96 -28.47
N THR A 33 10.15 22.72 -28.52
CA THR A 33 11.14 23.79 -28.43
C THR A 33 12.18 23.76 -29.54
N GLY A 34 12.13 22.80 -30.45
CA GLY A 34 13.15 22.69 -31.47
C GLY A 34 14.50 22.19 -31.00
N ILE A 35 14.67 21.87 -29.72
CA ILE A 35 15.95 21.44 -29.18
C ILE A 35 16.06 19.92 -29.35
N LYS A 36 17.03 19.46 -30.12
CA LYS A 36 17.18 18.03 -30.30
C LYS A 36 17.90 17.37 -29.14
N VAL A 37 17.40 16.21 -28.79
CA VAL A 37 17.92 15.43 -27.67
C VAL A 37 18.46 14.11 -28.20
N THR A 38 19.71 13.82 -27.90
CA THR A 38 20.32 12.57 -28.27
C THR A 38 20.60 11.74 -27.02
N VAL A 39 20.09 10.53 -26.99
CA VAL A 39 20.30 9.60 -25.88
C VAL A 39 21.32 8.54 -26.31
N GLU A 40 22.35 8.36 -25.48
CA GLU A 40 23.38 7.35 -25.70
C GLU A 40 23.53 6.48 -24.45
N HIS A 41 23.96 5.23 -24.66
CA HIS A 41 24.33 4.33 -23.57
C HIS A 41 25.72 3.74 -23.82
N PRO A 42 26.77 4.55 -23.62
CA PRO A 42 28.13 4.02 -23.76
C PRO A 42 28.42 2.97 -22.69
N ASP A 43 29.28 2.02 -23.04
CA ASP A 43 29.68 0.99 -22.08
C ASP A 43 30.56 1.58 -20.99
N LYS A 44 30.31 1.18 -19.75
CA LYS A 44 31.08 1.67 -18.60
C LYS A 44 30.99 3.19 -18.48
N LEU A 45 29.80 3.74 -18.79
CA LEU A 45 29.64 5.19 -18.80
C LEU A 45 29.92 5.79 -17.43
N GLU A 46 29.80 5.01 -16.35
CA GLU A 46 30.08 5.54 -15.02
C GLU A 46 31.56 5.76 -14.79
N GLU A 47 32.43 5.08 -15.54
CA GLU A 47 33.86 5.35 -15.48
C GLU A 47 34.33 6.26 -16.60
N LYS A 48 33.59 6.31 -17.70
CA LYS A 48 33.86 7.30 -18.74
C LYS A 48 33.56 8.71 -18.24
N PHE A 49 32.42 8.90 -17.58
CA PHE A 49 32.00 10.26 -17.23
C PHE A 49 33.03 11.01 -16.39
N PRO A 50 33.59 10.45 -15.31
CA PRO A 50 34.62 11.19 -14.56
C PRO A 50 35.86 11.48 -15.37
N GLN A 51 36.14 10.71 -16.43
CA GLN A 51 37.34 10.98 -17.24
C GLN A 51 37.09 12.14 -18.22
N VAL A 52 35.95 12.15 -18.90
CA VAL A 52 35.72 13.15 -19.94
C VAL A 52 35.28 14.48 -19.34
N ALA A 53 34.55 14.46 -18.21
CA ALA A 53 34.01 15.71 -17.67
C ALA A 53 35.09 16.54 -16.99
N ALA A 54 36.13 15.89 -16.46
CA ALA A 54 37.28 16.63 -15.95
C ALA A 54 37.94 17.44 -17.05
N THR A 55 37.96 16.89 -18.27
CA THR A 55 38.47 17.54 -19.47
C THR A 55 37.64 18.77 -19.86
N GLY A 56 36.37 18.79 -19.48
CA GLY A 56 35.42 19.72 -20.02
C GLY A 56 34.54 19.14 -21.11
N ASP A 57 34.64 17.84 -21.37
CA ASP A 57 33.84 17.18 -22.38
C ASP A 57 32.76 16.32 -21.70
N GLY A 58 32.04 15.54 -22.51
CA GLY A 58 31.09 14.59 -22.02
C GLY A 58 29.68 14.93 -22.44
N PRO A 59 28.70 14.29 -21.81
CA PRO A 59 27.30 14.62 -22.07
C PRO A 59 26.84 15.76 -21.16
N ASP A 60 25.68 16.30 -21.46
CA ASP A 60 25.11 17.34 -20.66
C ASP A 60 24.41 16.75 -19.43
N ILE A 61 23.76 15.61 -19.61
CA ILE A 61 22.99 14.98 -18.56
C ILE A 61 23.43 13.52 -18.44
N ILE A 62 23.73 13.10 -17.21
CA ILE A 62 24.09 11.71 -16.95
C ILE A 62 23.11 11.13 -15.93
N PHE A 63 22.61 9.93 -16.25
CA PHE A 63 21.72 9.13 -15.40
C PHE A 63 22.51 7.97 -14.80
N TRP A 64 22.64 7.94 -13.48
CA TRP A 64 23.28 6.83 -12.78
C TRP A 64 22.75 6.76 -11.36
N ALA A 65 22.97 5.59 -10.73
CA ALA A 65 22.69 5.44 -9.31
C ALA A 65 23.41 6.54 -8.52
N HIS A 66 22.72 7.06 -7.50
CA HIS A 66 23.16 8.29 -6.85
C HIS A 66 24.53 8.15 -6.20
N ASP A 67 24.93 6.92 -5.84
CA ASP A 67 26.12 6.74 -5.01
C ASP A 67 27.37 7.31 -5.70
N ARG A 68 27.52 7.07 -7.00
CA ARG A 68 28.71 7.58 -7.67
C ARG A 68 28.70 9.11 -7.81
N PHE A 69 27.53 9.75 -7.75
CA PHE A 69 27.50 11.20 -7.93
C PHE A 69 28.27 11.92 -6.83
N GLY A 70 28.51 11.26 -5.70
CA GLY A 70 29.30 11.88 -4.64
C GLY A 70 30.71 12.19 -5.10
N GLY A 71 31.34 11.23 -5.78
CA GLY A 71 32.68 11.48 -6.28
C GLY A 71 32.70 12.55 -7.35
N TYR A 72 31.75 12.48 -8.27
CA TYR A 72 31.62 13.49 -9.31
C TYR A 72 31.46 14.89 -8.69
N ALA A 73 30.55 15.01 -7.73
CA ALA A 73 30.36 16.27 -7.03
C ALA A 73 31.64 16.74 -6.33
N GLN A 74 32.39 15.79 -5.75
CA GLN A 74 33.67 16.12 -5.13
C GLN A 74 34.66 16.63 -6.17
N SER A 75 34.69 16.01 -7.34
CA SER A 75 35.54 16.43 -8.44
C SER A 75 35.01 17.65 -9.19
N GLY A 76 33.90 18.23 -8.75
CA GLY A 76 33.32 19.39 -9.41
C GLY A 76 32.82 19.13 -10.82
N LEU A 77 32.33 17.92 -11.11
CA LEU A 77 31.84 17.60 -12.45
C LEU A 77 30.34 17.83 -12.62
N LEU A 78 29.62 18.19 -11.55
CA LEU A 78 28.18 18.34 -11.59
C LEU A 78 27.80 19.75 -11.20
N ALA A 79 26.80 20.30 -11.88
CA ALA A 79 26.28 21.63 -11.57
C ALA A 79 25.21 21.56 -10.50
N GLU A 80 25.25 22.51 -9.56
CA GLU A 80 24.16 22.63 -8.60
C GLU A 80 22.86 22.86 -9.34
N ILE A 81 21.80 22.23 -8.86
CA ILE A 81 20.48 22.40 -9.44
C ILE A 81 19.64 23.23 -8.49
N THR A 82 18.62 23.89 -9.07
CA THR A 82 17.80 24.85 -8.34
C THR A 82 16.30 24.58 -8.49
N PRO A 83 15.84 23.35 -8.20
CA PRO A 83 14.39 23.13 -8.19
C PRO A 83 13.76 23.99 -7.11
N ASP A 84 12.64 24.63 -7.44
CA ASP A 84 12.03 25.48 -6.43
C ASP A 84 11.22 24.63 -5.43
N LYS A 85 10.71 25.32 -4.40
CA LYS A 85 10.04 24.65 -3.28
C LYS A 85 8.89 23.78 -3.78
N ALA A 86 8.05 24.33 -4.66
CA ALA A 86 6.92 23.57 -5.19
C ALA A 86 7.40 22.33 -5.96
N PHE A 87 8.52 22.44 -6.68
CA PHE A 87 8.99 21.28 -7.41
C PHE A 87 9.51 20.19 -6.46
N GLN A 88 10.29 20.57 -5.47
CA GLN A 88 10.83 19.61 -4.51
C GLN A 88 9.72 18.88 -3.76
N ASP A 89 8.59 19.55 -3.50
CA ASP A 89 7.45 18.90 -2.87
C ASP A 89 6.78 17.84 -3.74
N LYS A 90 7.09 17.79 -5.03
CA LYS A 90 6.52 16.77 -5.92
C LYS A 90 7.13 15.40 -5.70
N LEU A 91 8.32 15.33 -5.08
CA LEU A 91 9.08 14.11 -4.90
C LEU A 91 9.16 13.75 -3.42
N TYR A 92 9.41 12.47 -3.13
CA TYR A 92 9.48 12.05 -1.75
C TYR A 92 10.65 12.73 -1.07
N PRO A 93 10.43 13.36 0.09
CA PRO A 93 11.52 14.11 0.75
C PRO A 93 12.83 13.35 0.87
N PHE A 94 12.78 12.06 1.25
CA PHE A 94 14.02 11.34 1.51
C PHE A 94 14.85 11.16 0.23
N THR A 95 14.21 11.16 -0.94
CA THR A 95 14.98 11.05 -2.17
C THR A 95 15.92 12.24 -2.39
N TRP A 96 15.59 13.42 -1.86
CA TRP A 96 16.49 14.57 -2.03
C TRP A 96 17.78 14.41 -1.22
N ASP A 97 17.74 13.64 -0.13
CA ASP A 97 18.97 13.38 0.61
C ASP A 97 19.97 12.56 -0.18
N ALA A 98 19.52 11.77 -1.15
CA ALA A 98 20.47 10.96 -1.91
C ALA A 98 21.32 11.78 -2.87
N VAL A 99 20.94 13.03 -3.15
CA VAL A 99 21.58 13.83 -4.20
C VAL A 99 22.11 15.15 -3.65
N ARG A 100 22.48 15.18 -2.36
CA ARG A 100 23.07 16.36 -1.74
C ARG A 100 24.55 16.12 -1.46
N TYR A 101 25.40 17.04 -1.94
CA TYR A 101 26.83 17.01 -1.65
C TYR A 101 27.24 18.35 -1.04
N ASN A 102 27.74 18.29 0.20
CA ASN A 102 28.13 19.47 0.96
C ASN A 102 27.05 20.54 0.92
N GLY A 103 25.82 20.12 1.21
CA GLY A 103 24.67 21.00 1.29
C GLY A 103 24.13 21.50 -0.02
N LYS A 104 24.66 21.04 -1.16
CA LYS A 104 24.20 21.48 -2.47
C LYS A 104 23.51 20.34 -3.18
N LEU A 105 22.29 20.59 -3.64
CA LEU A 105 21.60 19.67 -4.55
C LEU A 105 22.37 19.57 -5.85
N ILE A 106 22.66 18.35 -6.28
CA ILE A 106 23.50 18.12 -7.46
C ILE A 106 22.94 17.10 -8.44
N ALA A 107 21.68 16.68 -8.25
CA ALA A 107 21.03 15.79 -9.21
C ALA A 107 19.54 15.75 -8.90
N TYR A 108 18.77 15.23 -9.85
CA TYR A 108 17.34 15.04 -9.67
C TYR A 108 17.06 13.56 -9.42
N PRO A 109 16.39 13.18 -8.32
CA PRO A 109 16.07 11.77 -8.13
C PRO A 109 15.05 11.32 -9.16
N ILE A 110 15.25 10.12 -9.71
CA ILE A 110 14.35 9.50 -10.68
C ILE A 110 13.63 8.30 -10.05
N ALA A 111 14.38 7.23 -9.75
CA ALA A 111 13.80 5.96 -9.31
C ALA A 111 14.46 5.46 -8.02
N VAL A 112 13.74 4.58 -7.32
CA VAL A 112 14.08 4.17 -5.96
C VAL A 112 14.14 2.65 -5.90
N GLU A 113 15.21 2.11 -5.31
CA GLU A 113 15.39 0.67 -5.27
C GLU A 113 15.92 0.21 -3.92
N ALA A 114 15.32 -0.85 -3.36
CA ALA A 114 15.79 -1.44 -2.12
C ALA A 114 15.36 -2.91 -2.07
N LEU A 115 15.98 -3.66 -1.15
CA LEU A 115 15.61 -5.05 -0.90
C LEU A 115 14.21 -5.17 -0.30
N SER A 116 13.56 -6.30 -0.55
CA SER A 116 12.26 -6.59 0.05
C SER A 116 12.20 -8.06 0.49
N LEU A 117 11.16 -8.39 1.26
CA LEU A 117 10.89 -9.78 1.62
C LEU A 117 10.04 -10.41 0.53
N ILE A 118 10.54 -11.47 -0.07
CA ILE A 118 9.84 -12.20 -1.12
C ILE A 118 9.36 -13.51 -0.52
N TYR A 119 8.10 -13.85 -0.73
CA TYR A 119 7.54 -14.98 -0.01
C TYR A 119 6.67 -15.83 -0.93
N ASN A 120 6.62 -17.13 -0.61
CA ASN A 120 5.83 -18.11 -1.34
C ASN A 120 4.40 -18.08 -0.81
N LYS A 121 3.45 -17.61 -1.64
CA LYS A 121 2.06 -17.48 -1.21
C LYS A 121 1.37 -18.80 -0.97
N ASP A 122 1.78 -19.86 -1.70
CA ASP A 122 1.15 -21.17 -1.47
C ASP A 122 1.68 -21.83 -0.21
N LEU A 123 2.92 -21.53 0.17
CA LEU A 123 3.44 -22.00 1.45
C LEU A 123 3.08 -21.08 2.59
N LEU A 124 2.81 -19.81 2.32
CA LEU A 124 2.77 -18.79 3.36
C LEU A 124 1.87 -17.65 2.91
N PRO A 125 0.55 -17.82 3.00
CA PRO A 125 -0.34 -16.73 2.58
C PRO A 125 -0.19 -15.48 3.42
N ASN A 126 0.25 -15.62 4.67
CA ASN A 126 0.38 -14.50 5.59
C ASN A 126 1.78 -14.54 6.16
N PRO A 127 2.74 -13.87 5.51
CA PRO A 127 4.14 -14.02 5.88
C PRO A 127 4.42 -13.26 7.17
N PRO A 128 5.43 -13.68 7.93
CA PRO A 128 5.65 -13.10 9.27
C PRO A 128 6.01 -11.62 9.22
N LYS A 129 5.51 -10.88 10.20
CA LYS A 129 5.85 -9.47 10.30
C LYS A 129 7.17 -9.23 11.04
N THR A 130 7.63 -10.19 11.84
CA THR A 130 8.83 -10.04 12.67
C THR A 130 9.87 -11.12 12.38
N TRP A 131 11.15 -10.74 12.52
CA TRP A 131 12.22 -11.73 12.45
C TRP A 131 12.07 -12.77 13.55
N GLU A 132 11.71 -12.34 14.76
CA GLU A 132 11.72 -13.22 15.92
C GLU A 132 10.80 -14.42 15.76
N GLU A 133 9.78 -14.33 14.90
CA GLU A 133 8.83 -15.42 14.79
C GLU A 133 9.24 -16.43 13.72
N ILE A 134 10.35 -16.19 13.04
CA ILE A 134 10.86 -17.08 11.99
C ILE A 134 11.38 -18.43 12.52
N PRO A 135 12.09 -18.52 13.66
CA PRO A 135 12.44 -19.86 14.18
C PRO A 135 11.28 -20.84 14.27
N ALA A 136 10.17 -20.45 14.92
CA ALA A 136 9.03 -21.36 15.07
C ALA A 136 8.42 -21.70 13.71
N LEU A 137 8.41 -20.72 12.80
CA LEU A 137 7.88 -20.97 11.48
C LEU A 137 8.71 -21.98 10.72
N ASP A 138 10.03 -21.89 10.84
CA ASP A 138 10.92 -22.87 10.20
C ASP A 138 10.71 -24.28 10.77
N LYS A 139 10.53 -24.41 12.09
CA LYS A 139 10.22 -25.72 12.67
C LYS A 139 8.99 -26.33 11.99
N GLU A 140 7.93 -25.54 11.86
CA GLU A 140 6.71 -26.04 11.23
C GLU A 140 6.96 -26.45 9.78
N LEU A 141 7.73 -25.65 9.04
CA LEU A 141 7.97 -25.93 7.63
C LEU A 141 8.98 -27.06 7.43
N LYS A 142 9.94 -27.22 8.35
CA LYS A 142 10.86 -28.36 8.27
C LYS A 142 10.10 -29.68 8.29
N ALA A 143 9.03 -29.77 9.07
CA ALA A 143 8.24 -31.00 9.12
C ALA A 143 7.48 -31.28 7.83
N LYS A 144 7.44 -30.31 6.90
CA LYS A 144 6.82 -30.51 5.60
C LYS A 144 7.84 -30.76 4.50
N GLY A 145 9.13 -30.78 4.84
CA GLY A 145 10.14 -30.86 3.81
C GLY A 145 10.53 -29.53 3.20
N LYS A 146 10.29 -28.42 3.91
CA LYS A 146 10.55 -27.06 3.44
C LYS A 146 11.36 -26.32 4.51
N SER A 147 11.68 -25.06 4.24
CA SER A 147 12.28 -24.19 5.25
C SER A 147 11.64 -22.81 5.16
N ALA A 148 11.82 -22.02 6.22
CA ALA A 148 11.20 -20.69 6.26
C ALA A 148 11.92 -19.70 5.35
N LEU A 149 13.25 -19.60 5.46
CA LEU A 149 13.96 -18.45 4.92
C LEU A 149 15.36 -18.82 4.44
N MET A 150 15.69 -18.47 3.20
CA MET A 150 17.04 -18.62 2.69
C MET A 150 17.42 -17.37 1.93
N PHE A 151 18.54 -16.78 2.27
CA PHE A 151 18.97 -15.63 1.50
C PHE A 151 20.48 -15.54 1.60
N ASN A 152 21.06 -14.76 0.69
CA ASN A 152 22.50 -14.66 0.56
C ASN A 152 23.13 -14.15 1.84
N LEU A 153 23.91 -14.98 2.53
CA LEU A 153 24.62 -14.59 3.74
C LEU A 153 26.06 -14.22 3.47
N GLN A 154 26.50 -14.27 2.21
CA GLN A 154 27.89 -13.98 1.90
C GLN A 154 28.14 -12.48 1.74
N GLU A 155 27.14 -11.73 1.30
CA GLU A 155 27.33 -10.33 0.93
C GLU A 155 26.65 -9.43 1.96
N PRO A 156 27.41 -8.58 2.64
CA PRO A 156 26.79 -7.71 3.68
C PRO A 156 25.64 -6.83 3.17
N TYR A 157 25.52 -6.59 1.86
CA TYR A 157 24.35 -5.88 1.34
C TYR A 157 23.06 -6.56 1.76
N PHE A 158 23.06 -7.90 1.83
CA PHE A 158 21.84 -8.65 2.11
C PHE A 158 21.57 -8.89 3.59
N THR A 159 22.61 -8.97 4.42
CA THR A 159 22.37 -9.14 5.86
C THR A 159 22.33 -7.82 6.61
N TRP A 160 22.83 -6.73 6.01
CA TRP A 160 22.79 -5.44 6.69
C TRP A 160 21.40 -5.00 7.14
N PRO A 161 20.30 -5.24 6.42
CA PRO A 161 19.02 -4.69 6.89
C PRO A 161 18.70 -5.13 8.31
N LEU A 162 19.00 -6.37 8.65
CA LEU A 162 18.75 -6.85 10.00
C LEU A 162 19.77 -6.29 10.97
N ILE A 163 21.02 -6.17 10.53
CA ILE A 163 22.05 -5.66 11.42
C ILE A 163 21.82 -4.20 11.76
N ALA A 164 21.28 -3.41 10.83
CA ALA A 164 21.02 -2.00 11.11
C ALA A 164 19.78 -1.79 11.96
N ALA A 165 18.83 -2.73 11.93
CA ALA A 165 17.48 -2.48 12.43
C ALA A 165 17.46 -1.89 13.84
N ASP A 166 18.27 -2.46 14.76
CA ASP A 166 18.27 -2.07 16.16
C ASP A 166 19.35 -1.06 16.50
N GLY A 167 20.08 -0.52 15.52
CA GLY A 167 21.01 0.55 15.83
C GLY A 167 22.32 0.58 15.06
N GLY A 168 22.59 -0.43 14.23
CA GLY A 168 23.77 -0.36 13.39
C GLY A 168 23.59 0.67 12.30
N TYR A 169 24.70 1.33 11.94
CA TYR A 169 24.70 2.22 10.78
C TYR A 169 26.10 2.23 10.20
N ALA A 170 26.22 2.73 8.97
CA ALA A 170 27.55 2.87 8.36
C ALA A 170 28.20 4.17 8.80
N PHE A 171 27.69 5.30 8.34
CA PHE A 171 28.25 6.60 8.67
C PHE A 171 27.16 7.52 9.15
N LYS A 172 27.34 8.08 10.35
CA LYS A 172 26.34 8.97 10.90
C LYS A 172 26.07 10.09 9.90
N TYR A 173 24.82 10.26 9.54
CA TYR A 173 24.37 11.24 8.57
C TYR A 173 23.61 12.32 9.34
N GLU A 174 24.32 13.38 9.70
CA GLU A 174 23.75 14.52 10.42
C GLU A 174 24.04 15.78 9.63
N ASN A 175 23.01 16.61 9.46
CA ASN A 175 23.13 17.89 8.76
C ASN A 175 23.71 17.68 7.36
N GLY A 176 23.18 16.67 6.66
CA GLY A 176 23.48 16.49 5.24
C GLY A 176 24.88 16.03 4.91
N LYS A 177 25.68 15.66 5.90
CA LYS A 177 27.05 15.22 5.66
C LYS A 177 27.33 13.95 6.45
N TYR A 178 28.23 13.15 5.89
CA TYR A 178 28.60 11.87 6.48
C TYR A 178 29.85 12.04 7.33
N ASP A 179 29.76 11.60 8.58
CA ASP A 179 30.87 11.70 9.53
C ASP A 179 31.68 10.41 9.47
N ILE A 180 32.77 10.44 8.70
CA ILE A 180 33.58 9.23 8.52
C ILE A 180 34.30 8.80 9.79
N LYS A 181 34.26 9.60 10.85
CA LYS A 181 34.82 9.24 12.14
C LYS A 181 33.83 8.51 13.04
N ASP A 182 32.56 8.48 12.66
CA ASP A 182 31.49 7.89 13.47
C ASP A 182 30.82 6.79 12.66
N VAL A 183 31.37 5.59 12.72
CA VAL A 183 30.77 4.43 12.07
C VAL A 183 30.16 3.57 13.16
N GLY A 184 29.03 2.92 12.83
CA GLY A 184 28.23 2.25 13.83
C GLY A 184 28.16 0.76 13.58
N VAL A 185 29.32 0.17 13.38
CA VAL A 185 29.41 -1.28 13.26
C VAL A 185 29.58 -1.95 14.62
N ASP A 186 30.34 -1.32 15.51
CA ASP A 186 30.63 -1.87 16.84
C ASP A 186 29.73 -1.22 17.90
N ASN A 187 28.42 -1.36 17.74
CA ASN A 187 27.50 -0.89 18.76
C ASN A 187 26.53 -2.02 19.09
N ALA A 188 25.66 -1.76 20.07
CA ALA A 188 24.82 -2.83 20.59
C ALA A 188 23.75 -3.23 19.58
N GLY A 189 23.19 -2.26 18.87
CA GLY A 189 22.20 -2.58 17.85
C GLY A 189 22.74 -3.54 16.81
N ALA A 190 23.88 -3.19 16.22
CA ALA A 190 24.54 -4.09 15.27
C ALA A 190 24.79 -5.47 15.86
N LYS A 191 25.25 -5.54 17.12
CA LYS A 191 25.54 -6.83 17.72
C LYS A 191 24.27 -7.64 17.95
N ALA A 192 23.20 -6.96 18.35
CA ALA A 192 21.94 -7.67 18.58
C ALA A 192 21.43 -8.30 17.28
N GLY A 193 21.47 -7.53 16.19
CA GLY A 193 21.07 -8.06 14.90
C GLY A 193 21.97 -9.17 14.40
N LEU A 194 23.28 -8.95 14.45
CA LEU A 194 24.19 -10.00 13.99
C LEU A 194 24.10 -11.25 14.88
N THR A 195 23.84 -11.08 16.18
CA THR A 195 23.64 -12.24 17.07
C THR A 195 22.39 -13.02 16.69
N PHE A 196 21.30 -12.31 16.38
CA PHE A 196 20.10 -13.00 15.94
C PHE A 196 20.36 -13.79 14.68
N LEU A 197 21.09 -13.19 13.73
CA LEU A 197 21.43 -13.91 12.50
C LEU A 197 22.29 -15.14 12.82
N VAL A 198 23.31 -15.00 13.66
CA VAL A 198 24.16 -16.14 14.00
C VAL A 198 23.34 -17.21 14.70
N ASP A 199 22.46 -16.81 15.62
CA ASP A 199 21.63 -17.79 16.33
C ASP A 199 20.73 -18.58 15.39
N LEU A 200 20.24 -17.94 14.31
CA LEU A 200 19.45 -18.70 13.34
C LEU A 200 20.28 -19.81 12.73
N ILE A 201 21.59 -19.59 12.58
CA ILE A 201 22.48 -20.58 11.99
C ILE A 201 22.82 -21.65 13.00
N LYS A 202 23.15 -21.27 14.24
CA LYS A 202 23.46 -22.27 15.27
C LYS A 202 22.28 -23.20 15.51
N ASN A 203 21.05 -22.69 15.40
CA ASN A 203 19.84 -23.48 15.56
C ASN A 203 19.33 -24.04 14.24
N LYS A 204 20.15 -24.00 13.20
CA LYS A 204 19.91 -24.73 11.97
C LYS A 204 18.73 -24.20 11.18
N HIS A 205 18.27 -22.99 11.52
CA HIS A 205 17.23 -22.37 10.71
C HIS A 205 17.80 -21.81 9.42
N MET A 206 19.11 -21.58 9.38
CA MET A 206 19.80 -21.16 8.18
C MET A 206 21.15 -21.86 8.11
N ASN A 207 21.70 -21.90 6.90
CA ASN A 207 23.04 -22.43 6.64
C ASN A 207 24.01 -21.29 6.37
N ALA A 208 25.13 -21.28 7.08
CA ALA A 208 26.11 -20.19 6.97
C ALA A 208 26.77 -20.13 5.59
N ASP A 209 26.70 -21.20 4.81
CA ASP A 209 27.28 -21.19 3.47
C ASP A 209 26.35 -20.60 2.42
N THR A 210 25.08 -20.39 2.75
CA THR A 210 24.12 -19.98 1.74
C THR A 210 24.57 -18.71 1.03
N ASP A 211 24.57 -18.73 -0.30
CA ASP A 211 24.99 -17.58 -1.10
C ASP A 211 23.83 -17.15 -2.02
N TYR A 212 24.13 -16.22 -2.92
CA TYR A 212 23.06 -15.68 -3.77
C TYR A 212 22.44 -16.79 -4.62
N SER A 213 23.28 -17.57 -5.27
CA SER A 213 22.77 -18.59 -6.19
C SER A 213 22.01 -19.67 -5.44
N ILE A 214 22.52 -20.09 -4.29
CA ILE A 214 21.85 -21.16 -3.56
C ILE A 214 20.46 -20.71 -3.13
N ALA A 215 20.36 -19.48 -2.61
CA ALA A 215 19.06 -18.99 -2.13
C ALA A 215 18.07 -18.88 -3.27
N GLU A 216 18.52 -18.32 -4.41
CA GLU A 216 17.61 -18.12 -5.54
C GLU A 216 17.08 -19.45 -6.05
N ALA A 217 17.95 -20.46 -6.16
CA ALA A 217 17.52 -21.77 -6.63
C ALA A 217 16.49 -22.35 -5.68
N ALA A 218 16.76 -22.29 -4.37
CA ALA A 218 15.81 -22.87 -3.41
C ALA A 218 14.47 -22.17 -3.46
N PHE A 219 14.46 -20.84 -3.43
CA PHE A 219 13.17 -20.16 -3.50
C PHE A 219 12.46 -20.45 -4.82
N ASN A 220 13.15 -20.23 -5.95
CA ASN A 220 12.50 -20.37 -7.25
C ASN A 220 12.08 -21.81 -7.56
N LYS A 221 12.56 -22.79 -6.79
CA LYS A 221 12.13 -24.19 -6.83
C LYS A 221 11.06 -24.51 -5.81
N GLY A 222 10.60 -23.54 -5.03
CA GLY A 222 9.54 -23.79 -4.06
C GLY A 222 9.97 -24.54 -2.82
N GLU A 223 11.26 -24.57 -2.50
CA GLU A 223 11.75 -25.32 -1.35
C GLU A 223 11.85 -24.49 -0.08
N THR A 224 11.80 -23.16 -0.18
CA THR A 224 11.80 -22.31 1.01
C THR A 224 10.69 -21.28 0.86
N ALA A 225 10.14 -20.84 1.99
CA ALA A 225 8.95 -19.98 1.94
C ALA A 225 9.27 -18.51 1.70
N MET A 226 10.50 -18.08 1.99
CA MET A 226 10.88 -16.67 1.89
C MET A 226 12.33 -16.54 1.46
N THR A 227 12.61 -15.44 0.79
CA THR A 227 13.97 -15.03 0.51
C THR A 227 14.00 -13.51 0.60
N ILE A 228 15.20 -12.93 0.53
CA ILE A 228 15.37 -11.48 0.57
C ILE A 228 16.13 -11.07 -0.68
N ASN A 229 15.50 -10.32 -1.59
CA ASN A 229 16.18 -9.92 -2.82
C ASN A 229 15.58 -8.62 -3.35
N GLY A 230 16.14 -8.17 -4.47
CA GLY A 230 15.74 -6.90 -5.05
C GLY A 230 14.91 -7.07 -6.31
N PRO A 231 14.45 -5.95 -6.89
CA PRO A 231 13.61 -6.03 -8.09
C PRO A 231 14.30 -6.72 -9.27
N TRP A 232 15.64 -6.65 -9.36
CA TRP A 232 16.40 -7.36 -10.39
C TRP A 232 16.18 -8.88 -10.37
N ALA A 233 15.55 -9.43 -9.34
CA ALA A 233 15.37 -10.87 -9.24
C ALA A 233 13.97 -11.31 -9.62
N TRP A 234 13.05 -10.37 -9.87
CA TRP A 234 11.65 -10.74 -10.02
C TRP A 234 11.41 -11.54 -11.29
N SER A 235 12.09 -11.18 -12.39
CA SER A 235 11.84 -11.86 -13.65
C SER A 235 12.22 -13.35 -13.59
N ASN A 236 13.27 -13.69 -12.82
CA ASN A 236 13.58 -15.12 -12.63
C ASN A 236 12.49 -15.83 -11.83
N ILE A 237 11.81 -15.12 -10.93
CA ILE A 237 10.70 -15.74 -10.21
C ILE A 237 9.47 -15.86 -11.09
N ASP A 238 9.16 -14.79 -11.85
CA ASP A 238 8.11 -14.83 -12.87
C ASP A 238 8.25 -16.07 -13.74
N THR A 239 9.46 -16.27 -14.28
CA THR A 239 9.78 -17.40 -15.13
C THR A 239 9.65 -18.76 -14.40
N SER A 240 9.96 -18.82 -13.12
CA SER A 240 9.76 -20.08 -12.40
C SER A 240 8.28 -20.32 -12.06
N LYS A 241 7.43 -19.31 -12.25
CA LYS A 241 5.98 -19.30 -12.00
C LYS A 241 5.58 -19.71 -10.59
N VAL A 242 6.52 -19.70 -9.63
CA VAL A 242 6.14 -19.80 -8.23
C VAL A 242 5.17 -18.68 -7.90
N ASN A 243 4.08 -19.03 -7.22
CA ASN A 243 3.09 -18.04 -6.80
C ASN A 243 3.68 -17.22 -5.65
N TYR A 244 4.27 -16.04 -5.98
CA TYR A 244 5.06 -15.30 -5.01
C TYR A 244 4.51 -13.89 -4.80
N GLY A 245 4.94 -13.28 -3.69
CA GLY A 245 4.60 -11.91 -3.37
C GLY A 245 5.82 -11.20 -2.82
N VAL A 246 5.64 -9.89 -2.58
CA VAL A 246 6.75 -9.02 -2.17
C VAL A 246 6.20 -8.06 -1.12
N THR A 247 6.84 -8.04 0.05
CA THR A 247 6.23 -7.37 1.17
C THR A 247 7.32 -6.69 1.98
N VAL A 248 6.91 -5.97 3.04
CA VAL A 248 7.86 -5.28 3.88
C VAL A 248 8.74 -6.31 4.60
N LEU A 249 10.01 -5.97 4.77
CA LEU A 249 10.92 -6.81 5.53
C LEU A 249 10.44 -6.96 6.97
N PRO A 250 10.72 -8.10 7.61
CA PRO A 250 10.35 -8.28 9.02
C PRO A 250 11.01 -7.23 9.89
N THR A 251 10.37 -6.92 11.01
CA THR A 251 10.94 -6.06 12.03
C THR A 251 11.84 -6.87 12.96
N PHE A 252 12.74 -6.16 13.63
CA PHE A 252 13.61 -6.76 14.63
C PHE A 252 13.54 -5.92 15.89
N LYS A 253 13.22 -6.57 17.01
CA LYS A 253 12.98 -5.86 18.26
C LYS A 253 11.99 -4.73 18.03
N GLY A 254 10.96 -5.01 17.24
CA GLY A 254 9.94 -4.03 16.93
C GLY A 254 10.34 -2.95 15.94
N GLN A 255 11.54 -2.99 15.37
CA GLN A 255 12.00 -1.89 14.54
C GLN A 255 12.18 -2.36 13.11
N PRO A 256 11.97 -1.49 12.12
CA PRO A 256 12.06 -1.96 10.72
C PRO A 256 13.49 -2.39 10.37
N SER A 257 13.58 -3.45 9.59
CA SER A 257 14.83 -3.73 8.91
C SER A 257 15.12 -2.56 7.97
N LYS A 258 16.41 -2.20 7.85
CA LYS A 258 16.82 -0.98 7.16
C LYS A 258 17.71 -1.31 5.97
N PRO A 259 17.12 -1.67 4.82
CA PRO A 259 17.94 -1.94 3.63
C PRO A 259 18.54 -0.66 3.08
N PHE A 260 19.68 -0.80 2.39
CA PHE A 260 20.26 0.35 1.72
C PHE A 260 19.45 0.71 0.47
N VAL A 261 19.33 2.00 0.20
CA VAL A 261 18.49 2.50 -0.89
C VAL A 261 19.39 3.06 -1.99
N GLY A 262 19.19 2.58 -3.22
CA GLY A 262 19.83 3.12 -4.40
C GLY A 262 18.84 3.97 -5.20
N VAL A 263 19.24 5.20 -5.49
CA VAL A 263 18.37 6.19 -6.14
C VAL A 263 18.97 6.54 -7.51
N LEU A 264 18.37 6.03 -8.58
CA LEU A 264 18.71 6.45 -9.92
C LEU A 264 18.50 7.96 -10.05
N SER A 265 19.55 8.69 -10.39
CA SER A 265 19.50 10.14 -10.44
C SER A 265 20.00 10.66 -11.78
N ALA A 266 19.61 11.90 -12.09
CA ALA A 266 19.99 12.61 -13.33
C ALA A 266 20.80 13.84 -12.97
N GLY A 267 22.05 13.88 -13.39
CA GLY A 267 22.95 14.98 -13.08
C GLY A 267 23.29 15.80 -14.31
N ILE A 268 23.59 17.07 -14.10
CA ILE A 268 23.97 18.00 -15.17
C ILE A 268 25.47 18.23 -15.12
N ASN A 269 26.13 18.05 -16.27
CA ASN A 269 27.56 18.30 -16.40
C ASN A 269 27.92 19.76 -16.08
N ALA A 270 28.91 19.93 -15.20
CA ALA A 270 29.37 21.27 -14.84
C ALA A 270 29.97 22.02 -16.04
N ALA A 271 30.52 21.28 -17.00
CA ALA A 271 31.07 21.89 -18.20
C ALA A 271 30.02 22.11 -19.28
N SER A 272 28.75 21.81 -19.02
CA SER A 272 27.71 21.92 -20.05
C SER A 272 27.43 23.38 -20.40
N PRO A 273 27.35 23.73 -21.68
CA PRO A 273 26.92 25.07 -22.07
C PRO A 273 25.41 25.19 -22.26
N ASN A 274 24.69 24.12 -21.94
CA ASN A 274 23.25 24.08 -22.07
C ASN A 274 22.54 23.81 -20.76
N LYS A 275 23.02 24.39 -19.69
CA LYS A 275 22.47 24.14 -18.36
C LYS A 275 20.99 24.52 -18.30
N GLU A 276 20.58 25.61 -18.96
CA GLU A 276 19.18 26.02 -18.93
C GLU A 276 18.31 25.04 -19.72
N LEU A 277 18.82 24.52 -20.83
CA LEU A 277 18.07 23.50 -21.56
C LEU A 277 17.93 22.23 -20.74
N ALA A 278 19.02 21.80 -20.11
CA ALA A 278 19.00 20.61 -19.26
C ALA A 278 18.00 20.76 -18.13
N LYS A 279 18.06 21.87 -17.39
CA LYS A 279 17.11 22.14 -16.31
C LYS A 279 15.68 22.01 -16.80
N GLU A 280 15.38 22.64 -17.94
CA GLU A 280 14.01 22.63 -18.46
C GLU A 280 13.58 21.24 -18.94
N PHE A 281 14.49 20.49 -19.56
CA PHE A 281 14.11 19.14 -19.96
C PHE A 281 13.77 18.27 -18.75
N LEU A 282 14.62 18.32 -17.73
CA LEU A 282 14.43 17.43 -16.59
C LEU A 282 13.21 17.83 -15.77
N GLU A 283 13.04 19.13 -15.51
CA GLU A 283 12.00 19.57 -14.60
C GLU A 283 10.61 19.62 -15.24
N ASN A 284 10.52 19.94 -16.54
CA ASN A 284 9.21 20.13 -17.16
C ASN A 284 8.79 19.03 -18.11
N TYR A 285 9.72 18.17 -18.53
CA TYR A 285 9.41 17.04 -19.41
C TYR A 285 9.69 15.69 -18.77
N LEU A 286 10.89 15.45 -18.24
CA LEU A 286 11.21 14.10 -17.75
C LEU A 286 10.52 13.77 -16.43
N LEU A 287 10.76 14.60 -15.40
CA LEU A 287 10.19 14.40 -14.08
C LEU A 287 8.71 14.83 -14.07
N THR A 288 7.93 14.12 -14.87
CA THR A 288 6.50 14.30 -14.94
C THR A 288 5.91 12.92 -15.11
N ASP A 289 4.61 12.79 -14.80
CA ASP A 289 3.90 11.53 -15.05
C ASP A 289 4.15 11.03 -16.47
N GLU A 290 3.98 11.91 -17.45
CA GLU A 290 4.16 11.53 -18.85
C GLU A 290 5.59 11.10 -19.13
N GLY A 291 6.57 11.91 -18.69
CA GLY A 291 7.96 11.56 -18.91
C GLY A 291 8.33 10.24 -18.27
N LEU A 292 8.04 10.08 -16.99
CA LEU A 292 8.39 8.84 -16.29
C LEU A 292 7.68 7.65 -16.92
N GLU A 293 6.38 7.80 -17.24
CA GLU A 293 5.63 6.72 -17.86
C GLU A 293 6.27 6.29 -19.18
N ALA A 294 6.77 7.25 -19.97
CA ALA A 294 7.42 6.91 -21.23
C ALA A 294 8.65 6.05 -21.00
N VAL A 295 9.50 6.42 -20.03
CA VAL A 295 10.68 5.61 -19.73
C VAL A 295 10.27 4.26 -19.16
N ASN A 296 9.22 4.25 -18.32
CA ASN A 296 8.83 3.03 -17.63
C ASN A 296 8.27 1.98 -18.57
N LYS A 297 7.55 2.42 -19.61
CA LYS A 297 7.02 1.47 -20.59
C LYS A 297 8.14 0.74 -21.31
N ASP A 298 9.26 1.42 -21.56
CA ASP A 298 10.41 0.78 -22.19
C ASP A 298 11.00 -0.27 -21.26
N LYS A 299 11.37 0.13 -20.04
CA LYS A 299 11.91 -0.75 -19.03
C LYS A 299 11.44 -0.27 -17.66
N PRO A 300 10.90 -1.16 -16.84
CA PRO A 300 10.36 -0.73 -15.54
C PRO A 300 11.40 0.03 -14.71
N LEU A 301 10.96 1.15 -14.14
CA LEU A 301 11.81 1.89 -13.21
C LEU A 301 11.78 1.32 -11.80
N GLY A 302 10.87 0.40 -11.49
CA GLY A 302 10.55 0.09 -10.11
C GLY A 302 9.73 1.19 -9.46
N ALA A 303 10.02 1.49 -8.20
CA ALA A 303 9.45 2.65 -7.53
C ALA A 303 10.15 3.92 -8.03
N VAL A 304 9.46 5.07 -7.94
CA VAL A 304 9.95 6.31 -8.49
C VAL A 304 9.82 7.41 -7.46
N ALA A 305 10.71 8.41 -7.55
CA ALA A 305 10.69 9.49 -6.56
C ALA A 305 9.49 10.41 -6.71
N LEU A 306 8.85 10.44 -7.89
CA LEU A 306 7.76 11.39 -8.14
C LEU A 306 6.47 10.83 -7.55
N LYS A 307 5.92 11.57 -6.58
CA LYS A 307 4.79 11.08 -5.80
C LYS A 307 3.62 10.65 -6.68
N SER A 308 3.29 11.45 -7.70
CA SER A 308 2.06 11.22 -8.46
C SER A 308 2.16 9.96 -9.30
N TYR A 309 3.30 9.75 -9.95
CA TYR A 309 3.45 8.52 -10.73
C TYR A 309 3.68 7.31 -9.84
N GLU A 310 4.35 7.48 -8.69
CA GLU A 310 4.52 6.36 -7.77
C GLU A 310 3.17 5.83 -7.29
N GLU A 311 2.21 6.74 -7.05
CA GLU A 311 0.87 6.31 -6.65
C GLU A 311 0.23 5.44 -7.71
N GLU A 312 0.57 5.70 -8.97
CA GLU A 312 0.05 4.89 -10.06
C GLU A 312 0.76 3.53 -10.11
N LEU A 313 2.08 3.50 -10.00
CA LEU A 313 2.80 2.22 -10.09
C LEU A 313 2.54 1.33 -8.89
N ALA A 314 2.29 1.92 -7.72
CA ALA A 314 2.09 1.18 -6.48
C ALA A 314 0.82 0.35 -6.48
N LYS A 315 0.03 0.39 -7.55
CA LYS A 315 -1.07 -0.56 -7.68
C LYS A 315 -0.54 -1.99 -7.70
N ASP A 316 0.65 -2.17 -8.26
CA ASP A 316 1.40 -3.42 -8.12
C ASP A 316 1.90 -3.51 -6.68
N PRO A 317 1.47 -4.49 -5.89
CA PRO A 317 1.89 -4.52 -4.48
C PRO A 317 3.41 -4.64 -4.31
N ARG A 318 4.11 -5.21 -5.29
CA ARG A 318 5.56 -5.36 -5.19
C ARG A 318 6.27 -4.00 -5.26
N ILE A 319 5.81 -3.12 -6.17
CA ILE A 319 6.34 -1.76 -6.23
C ILE A 319 6.10 -1.04 -4.91
N ALA A 320 4.87 -1.13 -4.38
CA ALA A 320 4.57 -0.54 -3.08
C ALA A 320 5.51 -1.05 -1.99
N ALA A 321 5.83 -2.35 -1.99
CA ALA A 321 6.73 -2.88 -0.97
C ALA A 321 8.14 -2.33 -1.14
N THR A 322 8.62 -2.22 -2.38
CA THR A 322 9.95 -1.67 -2.60
C THR A 322 10.04 -0.27 -2.00
N MET A 323 9.06 0.60 -2.32
CA MET A 323 9.07 1.95 -1.77
C MET A 323 8.92 1.94 -0.25
N GLU A 324 8.10 1.03 0.29
CA GLU A 324 7.95 0.98 1.75
C GLU A 324 9.26 0.60 2.43
N ASN A 325 9.92 -0.46 1.95
CA ASN A 325 11.22 -0.82 2.50
C ASN A 325 12.26 0.29 2.30
N ALA A 326 12.15 1.04 1.19
CA ALA A 326 13.14 2.09 0.95
C ALA A 326 12.93 3.26 1.91
N GLN A 327 11.67 3.60 2.19
CA GLN A 327 11.40 4.67 3.15
C GLN A 327 11.82 4.29 4.56
N LYS A 328 11.76 3.01 4.90
CA LYS A 328 12.23 2.61 6.21
C LYS A 328 13.73 2.40 6.24
N GLY A 329 14.38 2.32 5.08
CA GLY A 329 15.80 2.04 5.00
C GLY A 329 16.66 3.28 5.07
N GLU A 330 17.90 3.11 4.63
CA GLU A 330 18.86 4.21 4.62
C GLU A 330 19.40 4.36 3.22
N ILE A 331 19.44 5.61 2.75
CA ILE A 331 20.15 5.98 1.55
C ILE A 331 21.58 5.47 1.63
N MET A 332 22.03 4.85 0.55
CA MET A 332 23.42 4.41 0.44
C MET A 332 24.35 5.61 0.46
N PRO A 333 25.29 5.70 1.39
CA PRO A 333 26.21 6.85 1.42
C PRO A 333 27.01 6.95 0.14
N ASN A 334 27.11 8.18 -0.39
CA ASN A 334 27.77 8.46 -1.67
C ASN A 334 29.26 8.80 -1.52
N ILE A 335 29.93 8.28 -0.50
CA ILE A 335 31.32 8.64 -0.23
C ILE A 335 32.24 7.44 -0.44
N PRO A 336 33.52 7.63 -0.79
CA PRO A 336 34.38 6.48 -1.09
C PRO A 336 34.66 5.57 0.10
N GLN A 337 34.62 6.10 1.34
CA GLN A 337 34.88 5.28 2.52
C GLN A 337 33.90 4.12 2.67
N MET A 338 32.88 4.04 1.82
CA MET A 338 31.96 2.91 1.91
C MET A 338 32.63 1.60 1.56
N SER A 339 33.71 1.62 0.80
CA SER A 339 34.35 0.35 0.48
C SER A 339 35.12 -0.19 1.67
N ALA A 340 35.58 0.68 2.59
CA ALA A 340 36.10 0.17 3.85
C ALA A 340 34.99 -0.42 4.69
N PHE A 341 33.82 0.25 4.75
CA PHE A 341 32.68 -0.28 5.49
C PHE A 341 32.23 -1.62 4.95
N TRP A 342 32.10 -1.74 3.63
CA TRP A 342 31.64 -3.00 3.04
C TRP A 342 32.60 -4.15 3.34
N TYR A 343 33.90 -3.92 3.13
CA TYR A 343 34.86 -4.98 3.41
C TYR A 343 34.80 -5.41 4.87
N ALA A 344 34.87 -4.44 5.78
CA ALA A 344 34.90 -4.75 7.20
C ALA A 344 33.67 -5.55 7.61
N VAL A 345 32.48 -5.10 7.20
CA VAL A 345 31.26 -5.82 7.57
C VAL A 345 31.22 -7.19 6.89
N ARG A 346 31.65 -7.28 5.65
CA ARG A 346 31.65 -8.57 4.98
C ARG A 346 32.49 -9.58 5.75
N THR A 347 33.68 -9.17 6.17
CA THR A 347 34.54 -10.06 6.95
C THR A 347 33.85 -10.45 8.26
N ALA A 348 33.28 -9.46 8.96
CA ALA A 348 32.65 -9.73 10.25
C ALA A 348 31.54 -10.77 10.15
N VAL A 349 30.68 -10.68 9.11
CA VAL A 349 29.51 -11.55 9.07
C VAL A 349 29.92 -12.98 8.75
N ILE A 350 30.83 -13.18 7.78
CA ILE A 350 31.20 -14.55 7.45
C ILE A 350 31.99 -15.18 8.59
N ASN A 351 32.70 -14.38 9.38
CA ASN A 351 33.43 -14.92 10.50
C ASN A 351 32.51 -15.27 11.67
N ALA A 352 31.56 -14.39 12.00
CA ALA A 352 30.59 -14.71 13.04
C ALA A 352 29.71 -15.88 12.61
N ALA A 353 29.27 -15.91 11.34
CA ALA A 353 28.40 -16.98 10.89
C ALA A 353 29.11 -18.33 10.82
N SER A 354 30.42 -18.32 10.62
CA SER A 354 31.14 -19.58 10.49
C SER A 354 31.60 -20.14 11.82
N GLY A 355 31.51 -19.36 12.90
CA GLY A 355 32.05 -19.78 14.17
C GLY A 355 33.48 -19.37 14.43
N ARG A 356 34.14 -18.70 13.47
CA ARG A 356 35.53 -18.29 13.65
C ARG A 356 35.69 -17.24 14.74
N GLN A 357 34.69 -16.39 14.94
CA GLN A 357 34.72 -15.38 15.98
C GLN A 357 33.35 -15.27 16.61
N THR A 358 33.33 -14.80 17.86
CA THR A 358 32.06 -14.36 18.42
C THR A 358 31.57 -13.13 17.68
N VAL A 359 30.30 -12.81 17.89
CA VAL A 359 29.73 -11.62 17.26
C VAL A 359 30.47 -10.38 17.74
N ASP A 360 30.76 -10.29 19.03
CA ASP A 360 31.30 -9.04 19.54
C ASP A 360 32.74 -8.84 19.08
N GLU A 361 33.53 -9.91 19.02
CA GLU A 361 34.88 -9.79 18.48
C GLU A 361 34.85 -9.41 17.00
N ALA A 362 33.95 -10.02 16.23
CA ALA A 362 33.92 -9.75 14.78
C ALA A 362 33.55 -8.32 14.49
N LEU A 363 32.61 -7.74 15.25
CA LEU A 363 32.24 -6.35 15.01
C LEU A 363 33.24 -5.40 15.63
N LYS A 364 33.82 -5.78 16.76
CA LYS A 364 34.91 -4.99 17.32
C LYS A 364 36.06 -4.88 16.30
N ASP A 365 36.40 -5.99 15.64
CA ASP A 365 37.44 -5.96 14.62
C ASP A 365 36.99 -5.20 13.38
N ALA A 366 35.72 -5.32 13.00
CA ALA A 366 35.24 -4.58 11.83
C ALA A 366 35.41 -3.08 12.02
N GLN A 367 35.11 -2.58 13.22
CA GLN A 367 35.27 -1.15 13.51
C GLN A 367 36.72 -0.71 13.34
N THR A 368 37.65 -1.41 13.99
CA THR A 368 39.06 -0.99 13.91
C THR A 368 39.64 -1.26 12.52
N ASN A 369 39.22 -2.34 11.86
CA ASN A 369 39.66 -2.57 10.49
C ASN A 369 39.19 -1.45 9.57
N ALA A 370 37.92 -1.04 9.69
CA ALA A 370 37.41 -0.03 8.77
C ALA A 370 38.15 1.28 8.96
N ALA A 371 38.35 1.70 10.21
CA ALA A 371 39.07 2.94 10.47
C ALA A 371 40.47 2.87 9.90
N ALA A 372 41.16 1.75 10.10
CA ALA A 372 42.52 1.63 9.55
C ALA A 372 42.49 1.71 8.05
N HIS A 373 41.50 1.05 7.43
CA HIS A 373 41.37 1.03 5.99
C HIS A 373 41.16 2.44 5.45
N MET A 374 40.31 3.23 6.13
CA MET A 374 40.02 4.59 5.68
C MET A 374 41.26 5.48 5.77
N ASP A 375 42.02 5.36 6.88
CA ASP A 375 43.28 6.09 6.99
C ASP A 375 44.24 5.73 5.87
N GLN A 376 44.38 4.43 5.57
CA GLN A 376 45.36 4.04 4.57
C GLN A 376 44.93 4.45 3.17
N SER A 377 43.63 4.45 2.91
CA SER A 377 43.16 4.90 1.60
C SER A 377 43.44 6.39 1.41
N ARG A 378 43.27 7.18 2.47
CA ARG A 378 43.57 8.60 2.36
C ARG A 378 45.04 8.80 2.04
N ALA A 379 45.92 8.08 2.72
CA ALA A 379 47.35 8.22 2.49
C ALA A 379 47.69 8.02 1.01
N LEU A 380 47.11 7.00 0.37
CA LEU A 380 47.44 6.76 -1.03
C LEU A 380 46.82 7.81 -1.95
N ARG A 381 45.80 8.53 -1.49
CA ARG A 381 45.31 9.68 -2.24
C ARG A 381 46.26 10.88 -2.11
N ASN A 382 46.62 11.23 -0.88
CA ASN A 382 47.32 12.47 -0.59
C ASN A 382 48.85 12.37 -0.63
N ALA A 383 49.43 11.16 -0.71
CA ALA A 383 50.88 11.04 -0.63
C ALA A 383 51.36 10.01 -1.64
N ILE A 384 52.67 9.94 -1.82
CA ILE A 384 53.28 8.98 -2.72
C ILE A 384 54.15 8.01 -1.91
N LEU A 385 53.91 6.72 -2.09
CA LEU A 385 54.74 5.68 -1.51
C LEU A 385 55.72 5.21 -2.58
N ALA A 386 56.99 5.55 -2.42
CA ALA A 386 57.92 5.44 -3.53
C ALA A 386 59.23 4.84 -3.09
N TRP A 387 59.96 4.32 -4.07
CA TRP A 387 61.32 3.85 -3.89
C TRP A 387 62.25 5.05 -3.70
N THR A 388 62.73 5.26 -2.48
CA THR A 388 63.41 6.47 -2.06
C THR A 388 64.89 6.19 -1.78
N PRO A 389 65.81 7.04 -2.26
CA PRO A 389 67.21 6.97 -1.79
C PRO A 389 67.29 7.06 -0.28
N PRO A 390 68.20 6.34 0.36
CA PRO A 390 68.32 6.40 1.81
C PRO A 390 69.22 7.55 2.28
N GLN A 391 69.24 7.74 3.60
CA GLN A 391 69.93 8.88 4.23
C GLN A 391 71.41 8.99 3.87
N ILE A 395 68.68 13.56 -2.32
CA ILE A 395 68.18 14.33 -3.47
C ILE A 395 66.67 14.49 -3.37
N ASN A 396 66.22 15.74 -3.45
CA ASN A 396 64.81 16.10 -3.33
C ASN A 396 64.31 16.51 -4.71
N ILE A 397 63.60 15.61 -5.38
CA ILE A 397 63.20 15.87 -6.76
C ILE A 397 62.12 16.93 -6.89
N MET A 398 61.61 17.43 -5.77
CA MET A 398 60.70 18.57 -5.82
C MET A 398 61.45 19.89 -5.93
N GLU A 399 62.76 19.88 -5.64
CA GLU A 399 63.60 21.05 -5.81
C GLU A 399 64.70 20.88 -6.86
N THR A 400 65.09 19.65 -7.19
CA THR A 400 66.17 19.39 -8.12
C THR A 400 65.74 18.28 -9.06
N LEU A 401 65.68 18.59 -10.35
CA LEU A 401 65.31 17.58 -11.34
C LEU A 401 66.39 16.51 -11.41
N PRO A 402 66.04 15.23 -11.37
CA PRO A 402 67.06 14.17 -11.36
C PRO A 402 67.65 13.96 -12.74
N GLN A 403 68.90 13.53 -12.75
CA GLN A 403 69.56 13.21 -14.01
C GLN A 403 68.79 12.09 -14.72
N PRO A 404 68.76 12.13 -16.07
CA PRO A 404 69.39 13.11 -16.95
C PRO A 404 68.49 14.26 -17.44
N LEU A 405 67.44 14.59 -16.69
CA LEU A 405 66.55 15.69 -17.07
C LEU A 405 67.29 17.00 -17.34
N PRO A 406 68.18 17.51 -16.46
CA PRO A 406 68.89 18.75 -16.81
C PRO A 406 69.65 18.67 -18.12
N GLN A 407 70.11 17.49 -18.51
CA GLN A 407 70.77 17.36 -19.80
C GLN A 407 69.78 17.49 -20.94
N ILE A 408 68.63 16.80 -20.82
CA ILE A 408 67.61 16.86 -21.86
C ILE A 408 67.09 18.28 -21.99
N LEU A 409 66.97 19.00 -20.87
CA LEU A 409 66.48 20.36 -20.88
C LEU A 409 67.47 21.32 -21.54
N SER A 410 68.72 20.90 -21.68
CA SER A 410 69.74 21.74 -22.28
C SER A 410 69.84 21.55 -23.78
N GLU A 411 69.02 20.67 -24.37
CA GLU A 411 69.17 20.34 -25.78
C GLU A 411 68.43 21.31 -26.70
N GLY A 412 67.76 22.33 -26.17
CA GLY A 412 67.19 23.36 -27.01
C GLY A 412 65.75 23.17 -27.43
N TRP A 413 65.08 22.10 -26.97
CA TRP A 413 63.70 21.84 -27.36
C TRP A 413 62.71 21.74 -26.20
N LEU A 414 63.17 21.49 -24.99
CA LEU A 414 62.29 21.28 -23.85
C LEU A 414 62.60 22.34 -22.79
N GLU A 415 61.56 22.79 -22.10
CA GLU A 415 61.66 23.73 -20.99
C GLU A 415 60.91 23.17 -19.79
N VAL A 416 61.15 23.76 -18.61
CA VAL A 416 60.47 23.31 -17.41
C VAL A 416 60.23 24.51 -16.51
N ARG A 417 59.15 24.44 -15.74
CA ARG A 417 59.01 25.37 -14.64
C ARG A 417 58.27 24.65 -13.53
N ALA A 418 58.50 25.11 -12.31
CA ALA A 418 57.80 24.55 -11.16
C ALA A 418 56.30 24.78 -11.26
N ASP A 419 55.55 23.85 -10.71
CA ASP A 419 54.10 23.84 -10.72
C ASP A 419 53.57 23.55 -9.32
N PRO A 420 52.40 24.07 -8.97
CA PRO A 420 51.84 23.78 -7.65
C PRO A 420 51.70 22.30 -7.35
N ARG A 421 51.67 21.44 -8.38
CA ARG A 421 51.55 20.00 -8.23
C ARG A 421 52.81 19.28 -8.70
N GLY A 422 53.93 19.99 -8.80
CA GLY A 422 55.19 19.39 -9.14
C GLY A 422 55.99 20.20 -10.14
N TRP A 423 56.07 19.67 -11.37
CA TRP A 423 56.84 20.25 -12.45
C TRP A 423 56.00 20.26 -13.70
N LEU A 424 56.06 21.36 -14.45
CA LEU A 424 55.42 21.45 -15.75
C LEU A 424 56.52 21.45 -16.80
N LEU A 425 56.61 20.38 -17.57
CA LEU A 425 57.48 20.39 -18.73
C LEU A 425 56.71 20.94 -19.92
N ILE A 426 57.40 21.72 -20.74
CA ILE A 426 56.82 22.38 -21.90
C ILE A 426 57.79 22.26 -23.06
N PHE A 427 57.28 21.93 -24.23
CA PHE A 427 58.10 22.04 -25.43
C PHE A 427 57.26 22.59 -26.56
N THR A 428 57.85 23.48 -27.36
CA THR A 428 57.07 24.02 -28.47
C THR A 428 56.81 22.93 -29.49
N SER A 429 55.64 23.02 -30.13
CA SER A 429 55.28 22.06 -31.16
C SER A 429 55.93 22.36 -32.52
N ASP A 430 56.38 23.61 -32.75
CA ASP A 430 57.28 23.88 -33.87
C ASP A 430 58.50 22.99 -33.76
N GLY A 431 58.77 22.22 -34.81
CA GLY A 431 59.91 21.32 -34.76
C GLY A 431 59.60 19.94 -34.20
N ALA A 432 58.74 19.85 -33.17
CA ALA A 432 58.28 18.54 -32.69
C ALA A 432 57.34 17.87 -33.68
N PHE A 433 56.59 18.67 -34.44
CA PHE A 433 55.64 18.22 -35.44
C PHE A 433 55.79 19.08 -36.68
N ALA A 434 55.73 18.43 -37.85
CA ALA A 434 55.62 19.17 -39.09
C ALA A 434 54.33 20.00 -39.10
N THR A 435 54.33 21.06 -39.90
CA THR A 435 53.16 21.95 -39.97
C THR A 435 51.88 21.15 -40.15
N GLY A 436 50.89 21.46 -39.33
CA GLY A 436 49.60 20.80 -39.38
C GLY A 436 49.62 19.31 -39.13
N GLN A 437 50.72 18.77 -38.60
CA GLN A 437 50.91 17.33 -38.40
C GLN A 437 50.80 16.97 -36.93
N SER A 438 50.18 15.82 -36.64
CA SER A 438 50.09 15.31 -35.28
C SER A 438 51.03 14.14 -35.02
N LYS A 439 51.63 13.58 -36.06
CA LYS A 439 52.71 12.63 -35.92
C LYS A 439 54.00 13.37 -35.56
N LEU A 440 54.80 12.78 -34.68
CA LEU A 440 56.05 13.41 -34.25
C LEU A 440 57.00 13.57 -35.42
N SER A 441 57.68 14.72 -35.46
CA SER A 441 58.61 15.02 -36.54
C SER A 441 59.69 13.95 -36.65
N GLU A 442 60.25 13.83 -37.86
CA GLU A 442 61.35 12.91 -38.10
C GLU A 442 62.55 13.22 -37.23
N GLU A 443 62.81 14.51 -36.99
CA GLU A 443 63.91 14.92 -36.14
C GLU A 443 63.73 14.43 -34.71
N PHE A 444 62.53 14.61 -34.17
CA PHE A 444 62.30 14.16 -32.80
C PHE A 444 62.48 12.65 -32.68
N LYS A 445 62.07 11.90 -33.71
CA LYS A 445 62.22 10.44 -33.66
C LYS A 445 63.69 10.04 -33.72
N LYS A 446 64.46 10.65 -34.63
CA LYS A 446 65.88 10.32 -34.74
C LYS A 446 66.63 10.61 -33.45
N LYS A 447 66.27 11.69 -32.76
CA LYS A 447 66.96 12.05 -31.51
C LYS A 447 66.34 11.38 -30.31
N ARG A 448 65.25 10.64 -30.48
CA ARG A 448 64.55 9.98 -29.38
C ARG A 448 64.17 10.99 -28.30
N ASN A 449 63.69 12.16 -28.72
CA ASN A 449 63.35 13.21 -27.76
C ASN A 449 62.30 12.71 -26.77
N ILE A 450 61.16 12.20 -27.27
CA ILE A 450 60.09 11.92 -26.31
C ILE A 450 60.41 10.65 -25.52
N GLU A 451 61.00 9.65 -26.19
CA GLU A 451 61.27 8.40 -25.47
C GLU A 451 62.39 8.57 -24.44
N ARG A 452 63.37 9.43 -24.71
CA ARG A 452 64.41 9.62 -23.70
C ARG A 452 63.87 10.39 -22.52
N LEU A 453 62.94 11.31 -22.77
CA LEU A 453 62.24 11.98 -21.70
C LEU A 453 61.47 10.97 -20.86
N GLY A 454 60.72 10.09 -21.52
CA GLY A 454 60.05 9.01 -20.80
C GLY A 454 61.02 8.17 -19.99
N GLU A 455 62.12 7.74 -20.62
CA GLU A 455 63.10 6.94 -19.89
C GLU A 455 63.72 7.73 -18.75
N ALA A 456 63.75 9.08 -18.85
CA ALA A 456 64.30 9.87 -17.75
C ALA A 456 63.35 9.93 -16.57
N LEU A 457 62.06 9.84 -16.83
CA LEU A 457 61.09 9.85 -15.74
C LEU A 457 60.91 8.48 -15.09
N ALA A 458 61.22 7.40 -15.82
CA ALA A 458 60.87 6.06 -15.37
C ALA A 458 61.37 5.66 -13.98
N PRO A 459 62.54 6.08 -13.49
CA PRO A 459 62.95 5.66 -12.14
C PRO A 459 62.21 6.35 -11.00
N TRP A 460 61.26 7.21 -11.31
CA TRP A 460 60.67 8.08 -10.31
C TRP A 460 59.16 7.98 -10.36
N PRO A 461 58.47 8.21 -9.25
CA PRO A 461 57.01 8.12 -9.23
C PRO A 461 56.41 9.37 -9.86
N GLY A 462 55.08 9.45 -9.84
CA GLY A 462 54.36 10.63 -10.26
C GLY A 462 53.63 10.47 -11.57
N ASP A 463 52.31 10.67 -11.56
CA ASP A 463 51.52 10.62 -12.77
C ASP A 463 51.85 11.79 -13.70
N LEU A 464 51.53 11.59 -14.98
CA LEU A 464 51.77 12.56 -16.04
C LEU A 464 50.46 13.00 -16.66
N GLU A 465 50.37 14.28 -17.02
CA GLU A 465 49.27 14.79 -17.84
C GLU A 465 49.86 15.48 -19.05
N VAL A 466 49.43 15.04 -20.24
CA VAL A 466 49.88 15.62 -21.50
C VAL A 466 48.77 16.52 -22.04
N ILE A 467 49.09 17.77 -22.32
CA ILE A 467 48.14 18.78 -22.76
C ILE A 467 48.70 19.48 -24.00
N GLY A 468 47.96 19.43 -25.11
CA GLY A 468 48.34 20.14 -26.33
C GLY A 468 47.64 21.48 -26.45
N HIS A 469 48.39 22.49 -26.90
CA HIS A 469 47.86 23.81 -27.16
C HIS A 469 48.25 24.27 -28.57
N THR A 470 47.48 25.21 -29.09
CA THR A 470 47.78 25.86 -30.35
C THR A 470 47.73 27.35 -30.14
N ASP A 471 48.35 28.05 -31.09
CA ASP A 471 48.12 29.49 -31.17
C ASP A 471 46.72 29.75 -31.70
N ASN A 472 46.40 31.03 -31.85
CA ASN A 472 45.18 31.44 -32.50
C ASN A 472 45.44 32.71 -33.28
N LYS A 473 44.44 33.02 -34.10
CA LYS A 473 44.62 34.05 -35.10
C LYS A 473 44.31 35.41 -34.49
N PRO A 474 45.00 36.44 -34.88
CA PRO A 474 44.83 37.75 -34.22
C PRO A 474 43.38 38.17 -34.08
N TYR A 475 42.98 38.61 -32.88
CA TYR A 475 41.75 39.34 -32.63
C TYR A 475 40.48 38.48 -32.82
N ARG A 476 40.63 37.18 -32.76
CA ARG A 476 39.49 36.30 -32.86
C ARG A 476 39.20 35.82 -31.46
N ASN A 477 38.00 36.04 -30.99
CA ASN A 477 37.63 35.65 -29.64
C ASN A 477 36.94 34.33 -29.55
N THR A 478 37.03 33.54 -30.62
CA THR A 478 36.39 32.23 -30.73
C THR A 478 37.45 31.14 -30.89
N SER A 479 37.10 29.91 -30.57
CA SER A 479 38.04 28.80 -30.69
C SER A 479 37.89 28.00 -32.00
N ASN A 480 39.01 27.70 -32.64
CA ASN A 480 39.04 26.95 -33.89
C ASN A 480 38.94 25.48 -33.58
N ASN A 481 37.93 24.82 -34.09
CA ASN A 481 37.74 23.40 -33.78
C ASN A 481 38.80 22.52 -34.45
N SER A 482 39.33 22.92 -35.59
CA SER A 482 40.42 22.15 -36.19
C SER A 482 41.68 22.23 -35.33
N ASN A 483 41.93 23.39 -34.72
CA ASN A 483 43.07 23.53 -33.80
C ASN A 483 42.86 22.72 -32.54
N LEU A 484 41.61 22.57 -32.10
CA LEU A 484 41.32 21.73 -30.93
C LEU A 484 41.69 20.27 -31.21
N LYS A 485 41.16 19.70 -32.30
CA LYS A 485 41.45 18.30 -32.61
C LYS A 485 42.92 18.09 -32.90
N LEU A 486 43.60 19.10 -33.45
CA LEU A 486 45.02 18.92 -33.75
C LEU A 486 45.83 18.83 -32.46
N SER A 487 45.44 19.60 -31.43
CA SER A 487 46.15 19.57 -30.16
C SER A 487 45.85 18.28 -29.40
N GLU A 488 44.61 17.79 -29.52
CA GLU A 488 44.25 16.52 -28.92
C GLU A 488 45.01 15.36 -29.57
N ALA A 489 45.16 15.39 -30.89
CA ALA A 489 45.89 14.34 -31.58
C ALA A 489 47.38 14.44 -31.28
N ARG A 490 47.91 15.65 -31.15
CA ARG A 490 49.32 15.78 -30.78
C ARG A 490 49.55 15.29 -29.35
N ALA A 491 48.64 15.61 -28.43
CA ALA A 491 48.76 15.16 -27.05
C ALA A 491 48.70 13.65 -26.97
N GLN A 492 47.79 13.04 -27.74
CA GLN A 492 47.66 11.58 -27.72
C GLN A 492 48.92 10.92 -28.25
N THR A 493 49.52 11.49 -29.31
CA THR A 493 50.77 10.95 -29.83
C THR A 493 51.87 10.99 -28.79
N VAL A 494 51.99 12.12 -28.08
CA VAL A 494 53.03 12.26 -27.07
C VAL A 494 52.76 11.31 -25.90
N ALA A 495 51.51 11.24 -25.43
CA ALA A 495 51.21 10.37 -24.29
C ALA A 495 51.44 8.89 -24.65
N ASP A 496 51.02 8.46 -25.84
CA ASP A 496 51.30 7.08 -26.26
C ASP A 496 52.80 6.82 -26.26
N LYS A 497 53.58 7.76 -26.78
CA LYS A 497 55.02 7.56 -26.89
C LYS A 497 55.66 7.51 -25.51
N LEU A 498 55.16 8.29 -24.55
CA LEU A 498 55.64 8.21 -23.18
C LEU A 498 55.31 6.86 -22.55
N ARG A 499 54.03 6.45 -22.61
CA ARG A 499 53.60 5.15 -22.11
C ARG A 499 54.51 4.05 -22.60
N GLU A 500 54.79 4.06 -23.89
CA GLU A 500 55.62 3.01 -24.48
C GLU A 500 57.02 3.02 -23.88
N SER A 501 57.62 4.19 -23.71
CA SER A 501 58.97 4.24 -23.19
C SER A 501 59.03 4.07 -21.67
N LEU A 502 57.89 4.07 -20.98
CA LEU A 502 57.84 3.89 -19.54
C LEU A 502 57.61 2.43 -19.16
N ALA A 503 57.57 1.55 -20.16
CA ALA A 503 57.20 0.15 -19.93
C ALA A 503 58.09 -0.51 -18.88
N ASN A 504 59.35 -0.10 -18.76
CA ASN A 504 60.28 -0.72 -17.82
C ASN A 504 60.30 -0.03 -16.46
N SER A 505 59.44 0.95 -16.21
CA SER A 505 59.41 1.63 -14.94
C SER A 505 59.01 0.67 -13.82
N LYS A 506 59.40 1.02 -12.59
CA LYS A 506 58.82 0.29 -11.45
C LYS A 506 57.40 0.75 -11.18
N TYR A 507 57.00 1.89 -11.75
CA TYR A 507 55.67 2.43 -11.58
C TYR A 507 54.83 2.20 -12.82
N ASN A 508 53.56 1.92 -12.61
CA ASN A 508 52.59 1.97 -13.69
C ASN A 508 51.79 3.25 -13.54
N ARG A 509 52.44 4.37 -13.84
CA ARG A 509 51.79 5.65 -13.62
C ARG A 509 50.64 5.84 -14.61
N THR A 510 49.68 6.67 -14.23
CA THR A 510 48.64 7.10 -15.16
C THR A 510 49.15 8.21 -16.06
N VAL A 511 48.87 8.12 -17.36
CA VAL A 511 49.29 9.12 -18.34
C VAL A 511 48.06 9.51 -19.15
N THR A 512 47.52 10.71 -18.90
CA THR A 512 46.35 11.21 -19.61
C THR A 512 46.78 12.19 -20.71
N SER A 513 45.94 12.31 -21.74
CA SER A 513 46.21 13.28 -22.81
C SER A 513 44.94 14.08 -23.08
N VAL A 514 45.12 15.37 -23.29
CA VAL A 514 44.03 16.33 -23.40
C VAL A 514 44.44 17.41 -24.39
N GLY A 515 43.53 17.76 -25.28
CA GLY A 515 43.72 18.88 -26.18
C GLY A 515 42.97 20.09 -25.68
N LYS A 516 43.67 21.22 -25.60
CA LYS A 516 43.07 22.48 -25.18
C LYS A 516 42.91 23.47 -26.32
N GLY A 517 43.38 23.17 -27.52
CA GLY A 517 43.21 24.08 -28.64
C GLY A 517 43.85 25.43 -28.36
N ASP A 518 43.13 26.50 -28.70
CA ASP A 518 43.58 27.86 -28.41
C ASP A 518 42.99 28.40 -27.11
N GLN A 519 42.36 27.55 -26.29
CA GLN A 519 41.57 28.04 -25.16
C GLN A 519 42.44 28.58 -24.01
N GLU A 520 43.68 28.12 -23.88
CA GLU A 520 44.52 28.43 -22.71
C GLU A 520 45.83 29.07 -23.16
N PRO A 521 45.76 30.26 -23.77
CA PRO A 521 46.98 30.86 -24.31
C PRO A 521 47.95 31.26 -23.22
N LEU A 522 49.23 31.17 -23.55
CA LEU A 522 50.32 31.60 -22.68
C LEU A 522 50.73 33.05 -22.92
N ASP A 523 50.54 33.53 -24.14
CA ASP A 523 50.97 34.87 -24.53
C ASP A 523 50.01 35.37 -25.61
N ASP A 524 50.25 36.59 -26.06
CA ASP A 524 49.34 37.30 -26.96
C ASP A 524 49.43 36.75 -28.39
N ASN A 525 48.28 36.41 -28.96
CA ASN A 525 48.24 35.90 -30.33
C ASN A 525 48.34 37.01 -31.39
N ALA A 526 48.54 38.27 -30.97
CA ALA A 526 48.59 39.36 -31.94
C ALA A 526 49.94 39.49 -32.62
N THR A 527 50.99 38.88 -32.06
CA THR A 527 52.27 38.81 -32.73
C THR A 527 52.68 37.36 -32.90
N GLU A 528 53.56 37.13 -33.87
CA GLU A 528 54.14 35.80 -34.09
C GLU A 528 55.04 35.41 -32.93
N GLU A 529 55.79 36.37 -32.38
CA GLU A 529 56.47 36.20 -31.11
C GLU A 529 55.56 35.53 -30.08
N GLY A 530 54.32 35.99 -29.99
CA GLY A 530 53.38 35.43 -29.02
C GLY A 530 52.76 34.13 -29.48
N ARG A 531 52.39 34.04 -30.76
CA ARG A 531 51.77 32.81 -31.27
C ARG A 531 52.73 31.62 -31.16
N ARG A 532 54.01 31.84 -31.47
CA ARG A 532 55.05 30.84 -31.26
C ARG A 532 54.98 30.27 -29.85
N ARG A 533 54.99 31.14 -28.83
CA ARG A 533 54.90 30.70 -27.45
C ARG A 533 53.67 29.84 -27.21
N ASN A 534 52.57 30.11 -27.92
CA ASN A 534 51.31 29.41 -27.65
C ASN A 534 51.26 28.02 -28.27
N ARG A 535 52.08 27.75 -29.28
CA ARG A 535 52.12 26.44 -29.93
C ARG A 535 53.06 25.52 -29.15
N ARG A 536 52.50 24.69 -28.28
CA ARG A 536 53.33 23.98 -27.31
C ARG A 536 52.58 22.74 -26.82
N VAL A 537 53.35 21.86 -26.16
CA VAL A 537 52.83 20.69 -25.46
C VAL A 537 53.30 20.77 -24.01
N ASP A 538 52.34 20.65 -23.09
CA ASP A 538 52.60 20.61 -21.65
C ASP A 538 52.63 19.16 -21.21
N ILE A 539 53.58 18.84 -20.34
CA ILE A 539 53.58 17.59 -19.60
C ILE A 539 53.64 17.94 -18.12
N LEU A 540 52.52 17.80 -17.44
CA LEU A 540 52.45 18.01 -15.99
C LEU A 540 52.93 16.76 -15.25
N TRP A 541 54.02 16.88 -14.47
CA TRP A 541 54.58 15.77 -13.69
C TRP A 541 54.18 15.94 -12.23
N LYS A 542 53.19 15.16 -11.77
CA LYS A 542 52.55 15.38 -10.47
C LYS A 542 53.24 14.57 -9.38
N ILE A 543 54.31 15.14 -8.83
CA ILE A 543 55.11 14.45 -7.81
C ILE A 543 54.78 14.93 -6.40
N GLY A 544 53.73 15.70 -6.23
CA GLY A 544 53.31 16.19 -4.93
C GLY A 544 53.00 17.67 -4.96
N GLU A 545 52.29 18.13 -3.94
CA GLU A 545 51.97 19.54 -3.81
C GLU A 545 53.19 20.31 -3.30
N ARG A 546 53.41 21.49 -3.84
CA ARG A 546 54.45 22.36 -3.30
C ARG A 546 53.82 23.64 -2.77
N LYS B 3 -37.75 -24.95 15.51
CA LYS B 3 -36.45 -25.42 16.00
C LYS B 3 -35.56 -25.72 14.80
N ILE B 4 -34.24 -25.70 15.01
CA ILE B 4 -33.30 -25.98 13.92
C ILE B 4 -32.99 -27.46 13.93
N GLU B 5 -33.14 -28.10 12.77
CA GLU B 5 -32.94 -29.53 12.64
C GLU B 5 -31.46 -29.88 12.78
N GLU B 6 -31.17 -30.91 13.56
CA GLU B 6 -29.79 -31.34 13.74
C GLU B 6 -29.42 -32.33 12.65
N GLY B 7 -28.26 -32.12 12.03
CA GLY B 7 -27.77 -33.02 11.01
C GLY B 7 -28.01 -32.62 9.57
N LYS B 8 -28.45 -31.39 9.32
CA LYS B 8 -28.48 -30.83 7.96
C LYS B 8 -28.09 -29.35 8.07
N LEU B 9 -28.17 -28.61 6.96
CA LEU B 9 -27.81 -27.20 6.93
C LEU B 9 -28.88 -26.39 6.21
N VAL B 10 -29.34 -25.32 6.85
CA VAL B 10 -30.22 -24.33 6.23
C VAL B 10 -29.47 -23.02 6.11
N ILE B 11 -29.51 -22.41 4.92
CA ILE B 11 -28.75 -21.19 4.62
C ILE B 11 -29.69 -20.12 4.06
N TRP B 12 -29.67 -18.94 4.66
CA TRP B 12 -30.36 -17.77 4.11
C TRP B 12 -29.37 -16.83 3.42
N ILE B 13 -29.77 -16.30 2.27
CA ILE B 13 -28.95 -15.37 1.50
C ILE B 13 -29.88 -14.53 0.65
N ASN B 14 -29.50 -13.27 0.41
CA ASN B 14 -30.39 -12.33 -0.26
C ASN B 14 -30.66 -12.73 -1.71
N GLY B 15 -31.72 -12.14 -2.27
CA GLY B 15 -32.19 -12.55 -3.59
C GLY B 15 -31.31 -12.07 -4.73
N ASP B 16 -30.58 -10.98 -4.52
CA ASP B 16 -29.68 -10.46 -5.54
C ASP B 16 -28.38 -11.24 -5.64
N LYS B 17 -28.16 -12.22 -4.77
CA LYS B 17 -26.91 -12.98 -4.76
C LYS B 17 -27.03 -14.24 -5.61
N GLY B 18 -25.90 -14.90 -5.79
CA GLY B 18 -25.89 -16.11 -6.58
C GLY B 18 -26.31 -17.34 -5.79
N TYR B 19 -27.55 -17.34 -5.29
CA TYR B 19 -27.98 -18.45 -4.43
C TYR B 19 -27.94 -19.78 -5.15
N ASN B 20 -28.28 -19.80 -6.44
CA ASN B 20 -28.23 -21.05 -7.20
C ASN B 20 -26.82 -21.62 -7.24
N GLY B 21 -25.82 -20.76 -7.47
CA GLY B 21 -24.44 -21.22 -7.37
C GLY B 21 -24.09 -21.72 -5.97
N LEU B 22 -24.61 -21.04 -4.95
CA LEU B 22 -24.40 -21.50 -3.58
C LEU B 22 -25.06 -22.85 -3.34
N ALA B 23 -26.28 -23.05 -3.87
CA ALA B 23 -26.94 -24.34 -3.74
C ALA B 23 -26.13 -25.43 -4.43
N GLU B 24 -25.49 -25.10 -5.56
CA GLU B 24 -24.59 -26.06 -6.20
C GLU B 24 -23.51 -26.51 -5.24
N VAL B 25 -22.93 -25.58 -4.48
CA VAL B 25 -21.89 -25.97 -3.53
C VAL B 25 -22.49 -26.84 -2.43
N GLY B 26 -23.74 -26.58 -2.05
CA GLY B 26 -24.38 -27.43 -1.06
C GLY B 26 -24.58 -28.85 -1.56
N LYS B 27 -24.86 -29.00 -2.86
CA LYS B 27 -25.04 -30.33 -3.41
C LYS B 27 -23.73 -31.11 -3.41
N LYS B 28 -22.62 -30.43 -3.76
CA LYS B 28 -21.30 -31.03 -3.57
C LYS B 28 -21.10 -31.47 -2.14
N PHE B 29 -21.53 -30.63 -1.19
CA PHE B 29 -21.35 -30.93 0.22
C PHE B 29 -22.09 -32.22 0.60
N GLU B 30 -23.31 -32.39 0.10
CA GLU B 30 -24.09 -33.58 0.38
C GLU B 30 -23.36 -34.84 -0.07
N LYS B 31 -22.98 -34.90 -1.35
CA LYS B 31 -22.30 -36.08 -1.88
C LYS B 31 -21.00 -36.38 -1.13
N ASP B 32 -20.33 -35.36 -0.62
CA ASP B 32 -19.05 -35.60 0.02
C ASP B 32 -19.22 -36.07 1.47
N THR B 33 -20.24 -35.56 2.17
CA THR B 33 -20.43 -35.82 3.59
C THR B 33 -21.71 -36.58 3.91
N GLY B 34 -22.67 -36.64 2.99
CA GLY B 34 -23.99 -37.15 3.30
C GLY B 34 -24.94 -36.13 3.89
N ILE B 35 -24.46 -34.94 4.24
CA ILE B 35 -25.29 -33.95 4.92
C ILE B 35 -25.95 -33.03 3.89
N LYS B 36 -27.28 -32.97 3.96
CA LYS B 36 -28.08 -32.20 3.03
C LYS B 36 -28.00 -30.71 3.35
N VAL B 37 -27.97 -29.89 2.29
CA VAL B 37 -27.90 -28.42 2.41
C VAL B 37 -29.05 -27.82 1.62
N THR B 38 -29.77 -26.89 2.23
CA THR B 38 -30.91 -26.22 1.62
C THR B 38 -30.65 -24.72 1.62
N VAL B 39 -30.65 -24.10 0.44
CA VAL B 39 -30.38 -22.67 0.28
C VAL B 39 -31.70 -21.98 0.01
N GLU B 40 -32.08 -21.05 0.88
CA GLU B 40 -33.28 -20.27 0.73
C GLU B 40 -32.92 -18.80 0.67
N HIS B 41 -33.72 -18.02 -0.05
CA HIS B 41 -33.60 -16.56 -0.07
C HIS B 41 -34.91 -15.91 0.35
N PRO B 42 -35.33 -16.08 1.61
CA PRO B 42 -36.56 -15.42 2.06
C PRO B 42 -36.53 -13.94 1.75
N ASP B 43 -37.73 -13.38 1.55
CA ASP B 43 -37.84 -11.94 1.43
C ASP B 43 -37.64 -11.32 2.79
N LYS B 44 -37.03 -10.15 2.81
CA LYS B 44 -36.79 -9.35 4.00
C LYS B 44 -36.11 -10.14 5.07
N LEU B 45 -35.17 -10.92 4.67
CA LEU B 45 -34.46 -11.83 5.58
C LEU B 45 -33.65 -11.09 6.63
N GLU B 46 -33.21 -9.85 6.35
CA GLU B 46 -32.29 -9.17 7.26
C GLU B 46 -32.95 -8.67 8.54
N GLU B 47 -34.24 -8.44 8.40
CA GLU B 47 -35.12 -8.00 9.44
C GLU B 47 -35.80 -9.20 10.05
N LYS B 48 -36.06 -10.20 9.24
CA LYS B 48 -36.69 -11.46 9.58
C LYS B 48 -35.78 -12.26 10.50
N PHE B 49 -34.49 -12.34 10.17
CA PHE B 49 -33.57 -13.16 10.95
C PHE B 49 -33.53 -12.79 12.44
N PRO B 50 -33.40 -11.51 12.85
CA PRO B 50 -33.35 -11.24 14.30
C PRO B 50 -34.62 -11.65 15.00
N GLN B 51 -35.75 -11.49 14.32
CA GLN B 51 -37.03 -11.95 14.83
C GLN B 51 -36.99 -13.43 15.17
N VAL B 52 -36.67 -14.27 14.17
CA VAL B 52 -36.74 -15.72 14.34
C VAL B 52 -35.57 -16.28 15.14
N ALA B 53 -34.38 -15.67 15.04
CA ALA B 53 -33.24 -16.18 15.80
C ALA B 53 -33.44 -16.03 17.29
N ALA B 54 -34.10 -14.95 17.73
CA ALA B 54 -34.36 -14.70 19.14
C ALA B 54 -35.23 -15.79 19.76
N THR B 55 -35.99 -16.52 18.94
CA THR B 55 -36.79 -17.66 19.37
C THR B 55 -35.96 -18.93 19.53
N GLY B 56 -34.71 -18.95 19.08
CA GLY B 56 -34.00 -20.19 18.94
C GLY B 56 -34.37 -20.97 17.69
N ASP B 57 -34.87 -20.27 16.67
CA ASP B 57 -35.25 -20.84 15.39
C ASP B 57 -34.57 -20.02 14.30
N GLY B 58 -34.62 -20.50 13.06
CA GLY B 58 -34.02 -19.80 11.95
C GLY B 58 -33.08 -20.69 11.18
N PRO B 59 -32.27 -20.12 10.29
CA PRO B 59 -31.30 -20.90 9.52
C PRO B 59 -30.04 -21.17 10.35
N ASP B 60 -29.22 -22.11 9.86
CA ASP B 60 -27.93 -22.36 10.47
C ASP B 60 -26.93 -21.25 10.10
N ILE B 61 -27.00 -20.76 8.87
CA ILE B 61 -26.05 -19.80 8.32
C ILE B 61 -26.83 -18.68 7.65
N ILE B 62 -26.50 -17.43 7.98
CA ILE B 62 -27.09 -16.25 7.35
C ILE B 62 -26.00 -15.44 6.64
N PHE B 63 -26.30 -15.03 5.42
CA PHE B 63 -25.42 -14.21 4.58
C PHE B 63 -25.98 -12.79 4.53
N TRP B 64 -25.19 -11.83 5.02
CA TRP B 64 -25.58 -10.44 4.86
C TRP B 64 -24.33 -9.58 4.90
N ALA B 65 -24.49 -8.32 4.50
CA ALA B 65 -23.46 -7.32 4.69
C ALA B 65 -23.11 -7.22 6.17
N HIS B 66 -21.81 -7.03 6.44
CA HIS B 66 -21.30 -7.14 7.80
C HIS B 66 -21.95 -6.16 8.75
N ASP B 67 -22.41 -5.00 8.26
CA ASP B 67 -22.78 -3.92 9.16
C ASP B 67 -24.01 -4.27 10.00
N ARG B 68 -24.80 -5.24 9.59
CA ARG B 68 -25.92 -5.69 10.41
C ARG B 68 -25.50 -6.66 11.51
N PHE B 69 -24.36 -7.31 11.36
CA PHE B 69 -24.02 -8.39 12.29
C PHE B 69 -23.59 -7.87 13.66
N GLY B 70 -23.16 -6.60 13.74
CA GLY B 70 -22.90 -6.02 15.04
C GLY B 70 -24.15 -5.98 15.91
N GLY B 71 -25.24 -5.43 15.36
CA GLY B 71 -26.51 -5.46 16.07
C GLY B 71 -26.95 -6.86 16.43
N TYR B 72 -26.81 -7.80 15.47
CA TYR B 72 -27.10 -9.21 15.74
C TYR B 72 -26.24 -9.74 16.87
N ALA B 73 -24.99 -9.30 16.95
CA ALA B 73 -24.08 -9.80 17.98
C ALA B 73 -24.41 -9.19 19.33
N GLN B 74 -24.84 -7.92 19.35
CA GLN B 74 -25.35 -7.33 20.58
C GLN B 74 -26.51 -8.14 21.13
N SER B 75 -27.37 -8.64 20.24
CA SER B 75 -28.53 -9.44 20.63
C SER B 75 -28.20 -10.92 20.83
N GLY B 76 -26.93 -11.30 20.83
CA GLY B 76 -26.54 -12.68 21.07
C GLY B 76 -27.06 -13.71 20.08
N LEU B 77 -27.35 -13.30 18.85
CA LEU B 77 -27.94 -14.20 17.86
C LEU B 77 -26.91 -14.93 17.01
N LEU B 78 -25.62 -14.70 17.22
CA LEU B 78 -24.58 -15.25 16.36
C LEU B 78 -23.58 -16.03 17.20
N ALA B 79 -23.22 -17.20 16.74
CA ALA B 79 -22.12 -17.94 17.36
C ALA B 79 -20.80 -17.24 17.12
N GLU B 80 -19.88 -17.43 18.04
CA GLU B 80 -18.49 -17.09 17.80
C GLU B 80 -17.91 -18.14 16.88
N ILE B 81 -17.23 -17.70 15.83
CA ILE B 81 -16.67 -18.64 14.87
C ILE B 81 -15.23 -18.93 15.28
N THR B 82 -14.76 -20.14 14.91
CA THR B 82 -13.48 -20.63 15.42
C THR B 82 -12.46 -21.02 14.37
N PRO B 83 -12.19 -20.19 13.35
CA PRO B 83 -11.12 -20.55 12.40
C PRO B 83 -9.76 -20.55 13.08
N ASP B 84 -8.91 -21.49 12.66
CA ASP B 84 -7.54 -21.52 13.13
C ASP B 84 -6.73 -20.45 12.41
N LYS B 85 -5.52 -20.19 12.93
CA LYS B 85 -4.68 -19.17 12.32
C LYS B 85 -4.41 -19.46 10.85
N ALA B 86 -4.31 -20.74 10.49
CA ALA B 86 -4.03 -21.08 9.11
C ALA B 86 -5.18 -20.66 8.20
N PHE B 87 -6.42 -20.78 8.67
CA PHE B 87 -7.53 -20.37 7.81
C PHE B 87 -7.65 -18.86 7.72
N GLN B 88 -7.44 -18.15 8.84
CA GLN B 88 -7.50 -16.69 8.82
C GLN B 88 -6.41 -16.11 7.91
N ASP B 89 -5.25 -16.76 7.86
CA ASP B 89 -4.19 -16.31 6.97
C ASP B 89 -4.58 -16.30 5.50
N LYS B 90 -5.70 -16.94 5.16
CA LYS B 90 -6.13 -17.02 3.76
C LYS B 90 -7.02 -15.86 3.34
N LEU B 91 -7.43 -15.01 4.26
CA LEU B 91 -8.30 -13.88 3.98
C LEU B 91 -7.60 -12.59 4.37
N TYR B 92 -7.98 -11.50 3.73
CA TYR B 92 -7.35 -10.23 4.02
C TYR B 92 -7.70 -9.79 5.44
N PRO B 93 -6.71 -9.37 6.24
CA PRO B 93 -7.01 -8.98 7.63
C PRO B 93 -8.06 -7.88 7.78
N PHE B 94 -8.17 -6.95 6.83
CA PHE B 94 -9.17 -5.90 6.99
C PHE B 94 -10.58 -6.45 6.83
N THR B 95 -10.77 -7.55 6.13
CA THR B 95 -12.09 -8.17 6.10
C THR B 95 -12.42 -8.88 7.41
N TRP B 96 -11.43 -9.44 8.11
CA TRP B 96 -11.70 -10.00 9.45
C TRP B 96 -12.07 -8.89 10.44
N ASP B 97 -11.43 -7.72 10.32
CA ASP B 97 -11.84 -6.54 11.08
C ASP B 97 -13.32 -6.25 10.92
N ALA B 98 -13.90 -6.57 9.77
CA ALA B 98 -15.29 -6.23 9.53
C ALA B 98 -16.26 -7.12 10.31
N VAL B 99 -15.82 -8.30 10.72
CA VAL B 99 -16.72 -9.23 11.41
C VAL B 99 -16.24 -9.45 12.83
N ARG B 100 -15.57 -8.46 13.41
CA ARG B 100 -15.22 -8.48 14.83
C ARG B 100 -16.26 -7.71 15.62
N TYR B 101 -16.73 -8.32 16.70
CA TYR B 101 -17.58 -7.65 17.68
C TYR B 101 -17.08 -7.98 19.07
N ASN B 102 -16.67 -6.95 19.82
CA ASN B 102 -16.15 -7.08 21.17
C ASN B 102 -14.98 -8.06 21.21
N GLY B 103 -14.03 -7.87 20.30
CA GLY B 103 -12.85 -8.70 20.22
C GLY B 103 -13.04 -10.10 19.66
N LYS B 104 -14.25 -10.46 19.22
CA LYS B 104 -14.59 -11.81 18.79
C LYS B 104 -15.05 -11.83 17.34
N LEU B 105 -14.66 -12.88 16.61
CA LEU B 105 -15.11 -13.10 15.23
C LEU B 105 -16.52 -13.66 15.25
N ILE B 106 -17.47 -12.95 14.63
CA ILE B 106 -18.87 -13.35 14.66
C ILE B 106 -19.38 -13.74 13.28
N ALA B 107 -18.52 -13.79 12.26
CA ALA B 107 -18.96 -14.12 10.90
C ALA B 107 -17.75 -14.36 10.01
N TYR B 108 -17.99 -15.09 8.91
CA TYR B 108 -16.98 -15.30 7.89
C TYR B 108 -17.15 -14.27 6.78
N PRO B 109 -16.14 -13.48 6.43
CA PRO B 109 -16.27 -12.55 5.30
C PRO B 109 -16.18 -13.30 3.97
N ILE B 110 -16.99 -12.85 3.01
CA ILE B 110 -17.04 -13.44 1.68
C ILE B 110 -16.57 -12.44 0.63
N ALA B 111 -17.25 -11.30 0.52
CA ALA B 111 -17.05 -10.41 -0.60
C ALA B 111 -16.78 -8.98 -0.11
N VAL B 112 -16.27 -8.15 -1.02
CA VAL B 112 -15.83 -6.81 -0.68
C VAL B 112 -16.33 -5.86 -1.75
N GLU B 113 -17.10 -4.84 -1.36
CA GLU B 113 -17.59 -3.87 -2.32
C GLU B 113 -17.36 -2.44 -1.83
N ALA B 114 -17.03 -1.57 -2.78
CA ALA B 114 -16.83 -0.14 -2.54
C ALA B 114 -17.02 0.61 -3.85
N LEU B 115 -17.33 1.91 -3.74
CA LEU B 115 -17.41 2.79 -4.89
C LEU B 115 -16.06 2.93 -5.59
N SER B 116 -16.08 3.03 -6.92
CA SER B 116 -14.90 3.39 -7.69
C SER B 116 -15.23 4.56 -8.62
N LEU B 117 -14.20 5.04 -9.32
CA LEU B 117 -14.36 6.03 -10.38
C LEU B 117 -14.57 5.28 -11.69
N ILE B 118 -15.68 5.56 -12.36
CA ILE B 118 -15.98 4.96 -13.64
C ILE B 118 -15.90 6.06 -14.70
N TYR B 119 -15.16 5.80 -15.78
CA TYR B 119 -14.89 6.80 -16.79
C TYR B 119 -15.05 6.22 -18.18
N ASN B 120 -15.39 7.10 -19.12
CA ASN B 120 -15.53 6.78 -20.53
C ASN B 120 -14.17 6.92 -21.21
N LYS B 121 -13.62 5.81 -21.70
CA LYS B 121 -12.30 5.85 -22.30
C LYS B 121 -12.30 6.59 -23.64
N ASP B 122 -13.43 6.65 -24.33
CA ASP B 122 -13.47 7.42 -25.58
C ASP B 122 -13.53 8.91 -25.31
N LEU B 123 -14.29 9.35 -24.30
CA LEU B 123 -14.33 10.77 -23.98
C LEU B 123 -13.11 11.21 -23.20
N LEU B 124 -12.36 10.28 -22.62
CA LEU B 124 -11.40 10.69 -21.62
C LEU B 124 -10.40 9.55 -21.40
N PRO B 125 -9.44 9.37 -22.30
CA PRO B 125 -8.50 8.24 -22.16
C PRO B 125 -7.74 8.23 -20.85
N ASN B 126 -7.46 9.38 -20.27
CA ASN B 126 -6.71 9.46 -19.02
C ASN B 126 -7.51 10.22 -17.99
N PRO B 127 -8.22 9.52 -17.10
CA PRO B 127 -9.08 10.19 -16.12
C PRO B 127 -8.25 10.97 -15.13
N PRO B 128 -8.82 12.00 -14.50
CA PRO B 128 -8.07 12.82 -13.56
C PRO B 128 -7.78 12.08 -12.26
N LYS B 129 -6.58 12.31 -11.71
CA LYS B 129 -6.18 11.72 -10.44
C LYS B 129 -6.64 12.54 -9.23
N THR B 130 -7.05 13.79 -9.43
CA THR B 130 -7.43 14.69 -8.34
C THR B 130 -8.81 15.27 -8.60
N TRP B 131 -9.52 15.57 -7.51
CA TRP B 131 -10.78 16.28 -7.63
C TRP B 131 -10.58 17.70 -8.16
N GLU B 132 -9.42 18.30 -7.92
CA GLU B 132 -9.26 19.73 -8.20
C GLU B 132 -9.22 20.02 -9.69
N GLU B 133 -8.79 19.06 -10.52
CA GLU B 133 -8.68 19.31 -11.96
C GLU B 133 -9.99 19.11 -12.71
N ILE B 134 -11.07 18.83 -12.00
CA ILE B 134 -12.35 18.48 -12.62
C ILE B 134 -13.10 19.72 -13.12
N PRO B 135 -13.12 20.84 -12.39
CA PRO B 135 -13.74 22.06 -12.97
C PRO B 135 -13.19 22.40 -14.35
N ALA B 136 -11.87 22.47 -14.53
CA ALA B 136 -11.33 22.81 -15.83
C ALA B 136 -11.63 21.73 -16.87
N LEU B 137 -11.68 20.47 -16.45
CA LEU B 137 -12.05 19.40 -17.37
C LEU B 137 -13.48 19.56 -17.86
N ASP B 138 -14.38 19.91 -16.94
CA ASP B 138 -15.78 20.12 -17.30
C ASP B 138 -15.92 21.26 -18.30
N LYS B 139 -15.13 22.32 -18.14
CA LYS B 139 -15.19 23.42 -19.12
C LYS B 139 -14.84 22.92 -20.51
N GLU B 140 -13.77 22.12 -20.63
CA GLU B 140 -13.42 21.57 -21.92
C GLU B 140 -14.57 20.74 -22.48
N LEU B 141 -15.12 19.82 -21.67
CA LEU B 141 -16.13 18.90 -22.18
C LEU B 141 -17.44 19.63 -22.46
N LYS B 142 -17.74 20.67 -21.68
CA LYS B 142 -18.99 21.40 -21.90
C LYS B 142 -19.06 21.98 -23.30
N ALA B 143 -17.93 22.50 -23.81
CA ALA B 143 -17.91 23.06 -25.17
C ALA B 143 -18.11 22.00 -26.23
N LYS B 144 -17.86 20.72 -25.90
CA LYS B 144 -18.16 19.58 -26.76
C LYS B 144 -19.50 18.94 -26.43
N GLY B 145 -20.36 19.67 -25.71
CA GLY B 145 -21.69 19.18 -25.42
C GLY B 145 -21.72 18.03 -24.45
N LYS B 146 -20.67 17.87 -23.65
CA LYS B 146 -20.53 16.84 -22.62
C LYS B 146 -20.44 17.50 -21.24
N SER B 147 -20.31 16.67 -20.22
CA SER B 147 -19.93 17.10 -18.88
C SER B 147 -18.86 16.15 -18.35
N ALA B 148 -18.16 16.59 -17.31
CA ALA B 148 -17.06 15.81 -16.78
C ALA B 148 -17.56 14.66 -15.90
N LEU B 149 -18.54 14.92 -15.05
CA LEU B 149 -18.83 13.99 -13.96
C LEU B 149 -20.25 14.18 -13.48
N MET B 150 -21.01 13.09 -13.41
CA MET B 150 -22.33 13.08 -12.79
C MET B 150 -22.42 11.84 -11.93
N PHE B 151 -22.80 12.02 -10.67
CA PHE B 151 -23.07 10.90 -9.80
C PHE B 151 -24.18 11.30 -8.84
N ASN B 152 -24.67 10.32 -8.09
CA ASN B 152 -25.84 10.51 -7.24
C ASN B 152 -25.47 11.44 -6.09
N LEU B 153 -26.07 12.63 -6.05
CA LEU B 153 -25.84 13.57 -4.98
C LEU B 153 -26.90 13.49 -3.87
N GLN B 154 -27.92 12.64 -4.03
CA GLN B 154 -29.01 12.57 -3.05
C GLN B 154 -28.70 11.65 -1.87
N GLU B 155 -27.79 10.70 -2.04
CA GLU B 155 -27.54 9.71 -1.00
C GLU B 155 -26.14 9.89 -0.47
N PRO B 156 -25.98 10.14 0.83
CA PRO B 156 -24.63 10.43 1.36
C PRO B 156 -23.61 9.32 1.15
N TYR B 157 -24.05 8.07 0.96
CA TYR B 157 -23.14 6.98 0.57
C TYR B 157 -22.25 7.37 -0.61
N PHE B 158 -22.81 8.09 -1.59
CA PHE B 158 -22.05 8.42 -2.79
C PHE B 158 -21.16 9.64 -2.62
N THR B 159 -21.54 10.60 -1.77
CA THR B 159 -20.75 11.82 -1.61
C THR B 159 -19.75 11.70 -0.47
N TRP B 160 -19.97 10.76 0.44
CA TRP B 160 -19.06 10.56 1.57
C TRP B 160 -17.59 10.38 1.20
N PRO B 161 -17.21 9.65 0.14
CA PRO B 161 -15.76 9.50 -0.13
C PRO B 161 -15.02 10.84 -0.22
N LEU B 162 -15.64 11.86 -0.84
CA LEU B 162 -15.00 13.18 -0.93
C LEU B 162 -15.03 13.89 0.41
N ILE B 163 -16.08 13.67 1.20
CA ILE B 163 -16.17 14.31 2.51
C ILE B 163 -15.22 13.68 3.52
N ALA B 164 -14.96 12.38 3.40
CA ALA B 164 -14.04 11.73 4.33
C ALA B 164 -12.56 11.96 3.98
N ALA B 165 -12.27 12.40 2.75
CA ALA B 165 -10.89 12.42 2.27
C ALA B 165 -9.97 13.24 3.17
N ASP B 166 -10.41 14.45 3.55
CA ASP B 166 -9.58 15.35 4.35
C ASP B 166 -9.94 15.36 5.84
N GLY B 167 -10.86 14.50 6.29
CA GLY B 167 -11.04 14.34 7.73
C GLY B 167 -12.40 13.90 8.23
N GLY B 168 -13.38 13.78 7.34
CA GLY B 168 -14.67 13.26 7.75
C GLY B 168 -14.56 11.78 8.14
N TYR B 169 -15.33 11.39 9.15
CA TYR B 169 -15.41 10.00 9.59
C TYR B 169 -16.76 9.81 10.26
N ALA B 170 -17.17 8.56 10.36
CA ALA B 170 -18.43 8.19 10.99
C ALA B 170 -18.25 8.10 12.50
N PHE B 171 -17.61 7.04 12.97
CA PHE B 171 -17.35 6.89 14.39
C PHE B 171 -15.89 6.54 14.63
N LYS B 172 -15.30 7.11 15.69
CA LYS B 172 -13.98 6.70 16.11
C LYS B 172 -13.98 5.22 16.47
N TYR B 173 -12.91 4.53 16.11
CA TYR B 173 -12.75 3.12 16.45
C TYR B 173 -11.49 2.94 17.27
N GLU B 174 -11.62 2.32 18.44
CA GLU B 174 -10.50 2.18 19.35
C GLU B 174 -10.76 1.03 20.30
N ASN B 175 -9.73 0.21 20.52
CA ASN B 175 -9.79 -0.93 21.44
C ASN B 175 -10.99 -1.83 21.15
N GLY B 176 -11.25 -2.05 19.85
CA GLY B 176 -12.27 -2.98 19.42
C GLY B 176 -13.68 -2.42 19.38
N LYS B 177 -13.88 -1.15 19.69
CA LYS B 177 -15.22 -0.61 19.80
C LYS B 177 -15.33 0.70 19.05
N TYR B 178 -16.52 0.95 18.52
CA TYR B 178 -16.85 2.26 18.01
C TYR B 178 -17.30 3.15 19.17
N ASP B 179 -16.71 4.34 19.25
CA ASP B 179 -17.14 5.38 20.19
C ASP B 179 -18.40 6.03 19.61
N ILE B 180 -19.53 5.88 20.28
CA ILE B 180 -20.80 6.36 19.75
C ILE B 180 -21.22 7.69 20.38
N LYS B 181 -20.30 8.45 20.99
CA LYS B 181 -20.72 9.71 21.58
C LYS B 181 -21.00 10.76 20.49
N ASP B 182 -20.17 10.80 19.45
CA ASP B 182 -20.37 11.74 18.37
C ASP B 182 -19.98 11.11 17.04
N VAL B 183 -20.59 11.63 15.98
CA VAL B 183 -20.12 11.33 14.63
C VAL B 183 -18.98 12.29 14.33
N GLY B 184 -18.25 12.03 13.25
CA GLY B 184 -17.10 12.87 12.93
C GLY B 184 -17.30 13.70 11.68
N VAL B 185 -18.32 14.56 11.66
CA VAL B 185 -18.66 15.33 10.46
C VAL B 185 -18.46 16.83 10.64
N ASP B 186 -18.31 17.33 11.85
CA ASP B 186 -18.16 18.76 12.12
C ASP B 186 -16.70 19.03 12.44
N ASN B 187 -15.89 19.02 11.38
CA ASN B 187 -14.47 19.34 11.45
C ASN B 187 -14.10 19.97 10.13
N ALA B 188 -12.95 20.65 10.12
CA ALA B 188 -12.54 21.43 8.96
C ALA B 188 -12.33 20.57 7.71
N GLY B 189 -11.93 19.31 7.92
CA GLY B 189 -11.69 18.42 6.80
C GLY B 189 -12.96 18.01 6.08
N ALA B 190 -13.97 17.57 6.85
CA ALA B 190 -15.28 17.28 6.26
C ALA B 190 -15.86 18.51 5.60
N LYS B 191 -15.70 19.67 6.24
CA LYS B 191 -16.24 20.90 5.67
C LYS B 191 -15.59 21.22 4.33
N ALA B 192 -14.30 20.93 4.20
CA ALA B 192 -13.58 21.29 2.97
C ALA B 192 -14.02 20.40 1.82
N GLY B 193 -14.31 19.12 2.10
CA GLY B 193 -14.80 18.22 1.08
C GLY B 193 -16.20 18.58 0.63
N LEU B 194 -17.11 18.81 1.58
CA LEU B 194 -18.44 19.22 1.19
C LEU B 194 -18.43 20.61 0.56
N THR B 195 -17.50 21.48 0.96
CA THR B 195 -17.37 22.77 0.29
C THR B 195 -16.94 22.60 -1.16
N PHE B 196 -16.01 21.67 -1.42
CA PHE B 196 -15.61 21.42 -2.79
C PHE B 196 -16.78 20.97 -3.63
N LEU B 197 -17.60 20.06 -3.09
CA LEU B 197 -18.78 19.57 -3.81
C LEU B 197 -19.77 20.69 -4.10
N VAL B 198 -20.03 21.56 -3.12
CA VAL B 198 -20.97 22.65 -3.30
C VAL B 198 -20.45 23.64 -4.33
N ASP B 199 -19.13 23.89 -4.33
CA ASP B 199 -18.54 24.77 -5.34
C ASP B 199 -18.75 24.21 -6.75
N LEU B 200 -18.60 22.88 -6.91
CA LEU B 200 -18.91 22.27 -8.19
C LEU B 200 -20.33 22.61 -8.64
N ILE B 201 -21.29 22.52 -7.72
CA ILE B 201 -22.66 22.84 -8.07
C ILE B 201 -22.82 24.33 -8.35
N LYS B 202 -22.22 25.19 -7.52
CA LYS B 202 -22.34 26.64 -7.73
C LYS B 202 -21.73 27.06 -9.05
N ASN B 203 -20.64 26.42 -9.46
CA ASN B 203 -19.98 26.72 -10.72
C ASN B 203 -20.58 25.94 -11.90
N LYS B 204 -21.70 25.24 -11.68
CA LYS B 204 -22.47 24.53 -12.70
C LYS B 204 -21.71 23.36 -13.32
N HIS B 205 -20.67 22.86 -12.65
CA HIS B 205 -20.09 21.59 -13.06
C HIS B 205 -20.94 20.41 -12.64
N MET B 206 -21.87 20.59 -11.69
CA MET B 206 -22.81 19.55 -11.36
C MET B 206 -24.12 20.19 -10.98
N ASN B 207 -25.17 19.39 -11.01
CA ASN B 207 -26.53 19.80 -10.67
C ASN B 207 -26.91 19.20 -9.32
N ALA B 208 -27.45 20.03 -8.43
CA ALA B 208 -27.82 19.55 -7.10
C ALA B 208 -28.94 18.52 -7.13
N ASP B 209 -29.64 18.35 -8.25
CA ASP B 209 -30.75 17.44 -8.33
C ASP B 209 -30.36 16.06 -8.87
N THR B 210 -29.14 15.91 -9.37
CA THR B 210 -28.74 14.63 -9.94
C THR B 210 -28.89 13.49 -8.93
N ASP B 211 -29.69 12.50 -9.28
CA ASP B 211 -29.90 11.33 -8.46
C ASP B 211 -29.31 10.09 -9.14
N TYR B 212 -29.57 8.92 -8.56
CA TYR B 212 -28.93 7.70 -9.06
C TYR B 212 -29.27 7.46 -10.54
N SER B 213 -30.55 7.52 -10.90
CA SER B 213 -30.90 7.15 -12.27
C SER B 213 -30.45 8.22 -13.26
N ILE B 214 -30.53 9.51 -12.89
CA ILE B 214 -30.11 10.58 -13.80
C ILE B 214 -28.65 10.42 -14.17
N ALA B 215 -27.79 10.15 -13.18
CA ALA B 215 -26.37 9.99 -13.48
C ALA B 215 -26.09 8.68 -14.21
N GLU B 216 -26.87 7.63 -13.94
CA GLU B 216 -26.63 6.37 -14.64
C GLU B 216 -27.00 6.48 -16.11
N ALA B 217 -28.17 7.07 -16.38
CA ALA B 217 -28.57 7.31 -17.76
C ALA B 217 -27.53 8.13 -18.48
N ALA B 218 -27.00 9.17 -17.83
CA ALA B 218 -26.09 10.09 -18.51
C ALA B 218 -24.78 9.41 -18.87
N PHE B 219 -24.18 8.67 -17.93
CA PHE B 219 -22.94 7.99 -18.26
C PHE B 219 -23.17 6.91 -19.31
N ASN B 220 -24.31 6.22 -19.22
CA ASN B 220 -24.55 5.06 -20.08
C ASN B 220 -24.99 5.48 -21.47
N LYS B 221 -25.39 6.75 -21.64
CA LYS B 221 -25.65 7.35 -22.94
C LYS B 221 -24.46 8.11 -23.50
N GLY B 222 -23.32 8.06 -22.82
CA GLY B 222 -22.15 8.77 -23.32
C GLY B 222 -22.19 10.26 -23.16
N GLU B 223 -23.06 10.78 -22.29
CA GLU B 223 -23.21 12.22 -22.10
C GLU B 223 -22.29 12.80 -21.05
N THR B 224 -21.76 11.99 -20.13
CA THR B 224 -20.80 12.46 -19.13
C THR B 224 -19.56 11.58 -19.18
N ALA B 225 -18.39 12.19 -18.95
CA ALA B 225 -17.15 11.44 -19.07
C ALA B 225 -16.87 10.53 -17.88
N MET B 226 -17.47 10.80 -16.71
CA MET B 226 -17.16 10.04 -15.50
C MET B 226 -18.40 9.91 -14.64
N THR B 227 -18.38 8.89 -13.78
CA THR B 227 -19.40 8.71 -12.76
C THR B 227 -18.79 7.92 -11.61
N ILE B 228 -19.52 7.86 -10.52
CA ILE B 228 -19.03 7.20 -9.32
C ILE B 228 -20.05 6.15 -8.96
N ASN B 229 -19.66 4.88 -9.03
CA ASN B 229 -20.62 3.83 -8.71
C ASN B 229 -19.90 2.54 -8.34
N GLY B 230 -20.71 1.52 -8.01
CA GLY B 230 -20.20 0.26 -7.53
C GLY B 230 -20.39 -0.87 -8.53
N PRO B 231 -19.93 -2.09 -8.17
CA PRO B 231 -19.96 -3.20 -9.13
C PRO B 231 -21.35 -3.64 -9.52
N TRP B 232 -22.36 -3.32 -8.72
CA TRP B 232 -23.73 -3.62 -9.08
C TRP B 232 -24.17 -2.90 -10.35
N ALA B 233 -23.46 -1.83 -10.73
CA ALA B 233 -23.81 -0.99 -11.86
C ALA B 233 -23.15 -1.41 -13.16
N TRP B 234 -22.17 -2.33 -13.11
CA TRP B 234 -21.36 -2.64 -14.30
C TRP B 234 -22.20 -3.33 -15.39
N SER B 235 -23.16 -4.16 -15.01
CA SER B 235 -23.95 -4.91 -15.98
C SER B 235 -24.69 -3.98 -16.93
N ASN B 236 -25.31 -2.93 -16.40
CA ASN B 236 -26.00 -1.97 -17.28
C ASN B 236 -25.02 -1.20 -18.15
N ILE B 237 -23.81 -0.93 -17.64
CA ILE B 237 -22.82 -0.29 -18.49
C ILE B 237 -22.36 -1.25 -19.58
N ASP B 238 -22.20 -2.52 -19.23
CA ASP B 238 -21.89 -3.55 -20.23
C ASP B 238 -22.91 -3.54 -21.36
N THR B 239 -24.20 -3.56 -21.00
CA THR B 239 -25.28 -3.54 -21.98
C THR B 239 -25.19 -2.35 -22.92
N SER B 240 -24.82 -1.17 -22.40
CA SER B 240 -24.79 0.05 -23.21
C SER B 240 -23.63 0.07 -24.19
N LYS B 241 -22.60 -0.76 -23.97
CA LYS B 241 -21.39 -0.84 -24.78
C LYS B 241 -20.54 0.42 -24.74
N VAL B 242 -20.75 1.29 -23.75
CA VAL B 242 -19.79 2.38 -23.53
C VAL B 242 -18.40 1.79 -23.29
N ASN B 243 -17.39 2.41 -23.86
CA ASN B 243 -16.01 1.91 -23.70
C ASN B 243 -15.51 2.47 -22.37
N TYR B 244 -15.65 1.69 -21.30
CA TYR B 244 -15.46 2.25 -19.98
C TYR B 244 -14.32 1.58 -19.22
N GLY B 245 -13.81 2.32 -18.24
CA GLY B 245 -12.86 1.80 -17.29
C GLY B 245 -13.34 2.09 -15.88
N VAL B 246 -12.67 1.47 -14.92
CA VAL B 246 -12.93 1.64 -13.50
C VAL B 246 -11.57 1.80 -12.82
N THR B 247 -11.44 2.81 -11.98
CA THR B 247 -10.13 3.15 -11.44
C THR B 247 -10.29 3.75 -10.04
N VAL B 248 -9.15 4.13 -9.44
CA VAL B 248 -9.15 4.76 -8.13
C VAL B 248 -9.95 6.06 -8.16
N LEU B 249 -10.74 6.28 -7.10
CA LEU B 249 -11.38 7.57 -6.86
C LEU B 249 -10.34 8.69 -6.87
N PRO B 250 -10.71 9.89 -7.34
CA PRO B 250 -9.76 11.01 -7.33
C PRO B 250 -9.36 11.37 -5.91
N THR B 251 -8.16 11.94 -5.78
CA THR B 251 -7.75 12.44 -4.47
C THR B 251 -8.32 13.83 -4.23
N PHE B 252 -8.39 14.21 -2.97
CA PHE B 252 -8.78 15.55 -2.57
C PHE B 252 -7.74 16.05 -1.60
N LYS B 253 -7.21 17.25 -1.86
CA LYS B 253 -6.13 17.82 -1.07
C LYS B 253 -5.00 16.81 -0.87
N GLY B 254 -4.64 16.12 -1.96
CA GLY B 254 -3.56 15.15 -1.92
C GLY B 254 -3.86 13.86 -1.17
N GLN B 255 -5.10 13.62 -0.73
CA GLN B 255 -5.43 12.45 0.07
C GLN B 255 -6.50 11.60 -0.62
N PRO B 256 -6.45 10.27 -0.49
CA PRO B 256 -7.44 9.41 -1.16
C PRO B 256 -8.87 9.72 -0.73
N SER B 257 -9.80 9.66 -1.67
CA SER B 257 -11.20 9.56 -1.28
C SER B 257 -11.40 8.24 -0.55
N LYS B 258 -12.28 8.23 0.45
CA LYS B 258 -12.41 7.10 1.36
C LYS B 258 -13.84 6.57 1.32
N PRO B 259 -14.16 5.70 0.36
CA PRO B 259 -15.52 5.14 0.31
C PRO B 259 -15.74 4.17 1.45
N PHE B 260 -17.00 4.02 1.84
CA PHE B 260 -17.33 2.97 2.81
C PHE B 260 -17.20 1.59 2.16
N VAL B 261 -16.83 0.61 2.99
CA VAL B 261 -16.60 -0.76 2.54
C VAL B 261 -17.71 -1.64 3.09
N GLY B 262 -18.32 -2.42 2.22
CA GLY B 262 -19.31 -3.41 2.61
C GLY B 262 -18.76 -4.81 2.41
N VAL B 263 -18.88 -5.64 3.44
CA VAL B 263 -18.29 -6.97 3.41
C VAL B 263 -19.43 -7.97 3.58
N LEU B 264 -19.88 -8.54 2.47
CA LEU B 264 -20.84 -9.65 2.53
C LEU B 264 -20.26 -10.78 3.36
N SER B 265 -21.01 -11.22 4.39
CA SER B 265 -20.47 -12.14 5.39
C SER B 265 -21.47 -13.24 5.72
N ALA B 266 -20.96 -14.34 6.24
CA ALA B 266 -21.77 -15.49 6.65
C ALA B 266 -21.63 -15.69 8.16
N GLY B 267 -22.73 -15.47 8.88
CA GLY B 267 -22.78 -15.75 10.31
C GLY B 267 -23.45 -17.08 10.64
N ILE B 268 -23.13 -17.63 11.81
CA ILE B 268 -23.71 -18.88 12.29
C ILE B 268 -24.69 -18.56 13.41
N ASN B 269 -25.94 -18.93 13.20
CA ASN B 269 -26.99 -18.79 14.20
C ASN B 269 -26.56 -19.39 15.53
N ALA B 270 -26.56 -18.56 16.57
CA ALA B 270 -26.18 -19.02 17.90
C ALA B 270 -26.97 -20.26 18.30
N ALA B 271 -28.27 -20.28 17.97
CA ALA B 271 -29.16 -21.37 18.35
C ALA B 271 -29.09 -22.53 17.37
N SER B 272 -27.91 -22.78 16.81
CA SER B 272 -27.84 -23.86 15.84
C SER B 272 -27.14 -25.05 16.43
N PRO B 273 -27.65 -26.26 16.20
CA PRO B 273 -26.96 -27.48 16.62
C PRO B 273 -25.95 -27.98 15.60
N ASN B 274 -25.73 -27.24 14.52
CA ASN B 274 -24.91 -27.71 13.41
C ASN B 274 -23.71 -26.81 13.16
N LYS B 275 -23.24 -26.15 14.22
CA LYS B 275 -22.13 -25.21 14.10
C LYS B 275 -20.88 -25.87 13.52
N GLU B 276 -20.69 -27.17 13.78
CA GLU B 276 -19.55 -27.89 13.23
C GLU B 276 -19.71 -28.12 11.73
N LEU B 277 -20.91 -28.52 11.30
CA LEU B 277 -21.13 -28.68 9.86
C LEU B 277 -21.08 -27.34 9.15
N ALA B 278 -21.67 -26.29 9.75
CA ALA B 278 -21.58 -24.96 9.18
C ALA B 278 -20.12 -24.53 9.03
N LYS B 279 -19.32 -24.73 10.08
CA LYS B 279 -17.92 -24.34 9.99
C LYS B 279 -17.19 -25.09 8.88
N GLU B 280 -17.47 -26.38 8.72
CA GLU B 280 -16.81 -27.12 7.66
C GLU B 280 -17.36 -26.74 6.30
N PHE B 281 -18.67 -26.50 6.20
CA PHE B 281 -19.22 -26.02 4.95
C PHE B 281 -18.59 -24.69 4.54
N LEU B 282 -18.55 -23.74 5.46
CA LEU B 282 -18.07 -22.40 5.14
C LEU B 282 -16.58 -22.39 4.82
N GLU B 283 -15.80 -23.20 5.54
CA GLU B 283 -14.34 -23.10 5.42
C GLU B 283 -13.75 -23.93 4.29
N ASN B 284 -14.33 -25.08 3.99
CA ASN B 284 -13.71 -26.00 3.05
C ASN B 284 -14.55 -26.22 1.79
N TYR B 285 -15.77 -25.68 1.75
CA TYR B 285 -16.58 -25.68 0.55
C TYR B 285 -16.82 -24.30 -0.04
N LEU B 286 -17.31 -23.34 0.76
CA LEU B 286 -17.59 -22.03 0.20
C LEU B 286 -16.32 -21.20 0.02
N LEU B 287 -15.59 -20.96 1.11
CA LEU B 287 -14.43 -20.08 1.06
C LEU B 287 -13.23 -20.80 0.44
N THR B 288 -13.42 -21.21 -0.81
CA THR B 288 -12.36 -21.77 -1.63
C THR B 288 -12.50 -21.22 -3.03
N ASP B 289 -11.42 -21.35 -3.81
CA ASP B 289 -11.49 -21.00 -5.23
C ASP B 289 -12.69 -21.66 -5.90
N GLU B 290 -12.84 -22.97 -5.73
CA GLU B 290 -13.98 -23.67 -6.32
C GLU B 290 -15.30 -23.12 -5.80
N GLY B 291 -15.41 -22.95 -4.47
CA GLY B 291 -16.66 -22.46 -3.89
C GLY B 291 -17.02 -21.06 -4.36
N LEU B 292 -16.07 -20.13 -4.24
CA LEU B 292 -16.40 -18.75 -4.58
C LEU B 292 -16.67 -18.59 -6.07
N GLU B 293 -15.98 -19.38 -6.91
CA GLU B 293 -16.23 -19.36 -8.36
C GLU B 293 -17.63 -19.85 -8.70
N ALA B 294 -18.10 -20.90 -8.02
CA ALA B 294 -19.46 -21.38 -8.26
C ALA B 294 -20.49 -20.29 -7.96
N VAL B 295 -20.32 -19.59 -6.83
CA VAL B 295 -21.26 -18.50 -6.54
C VAL B 295 -21.06 -17.38 -7.54
N ASN B 296 -19.81 -17.08 -7.89
CA ASN B 296 -19.50 -15.94 -8.76
C ASN B 296 -20.01 -16.15 -10.19
N LYS B 297 -19.95 -17.39 -10.68
CA LYS B 297 -20.51 -17.71 -11.99
C LYS B 297 -22.00 -17.39 -12.05
N ASP B 298 -22.73 -17.62 -10.95
CA ASP B 298 -24.16 -17.34 -10.94
C ASP B 298 -24.42 -15.84 -10.91
N LYS B 299 -23.98 -15.17 -9.84
CA LYS B 299 -24.03 -13.72 -9.77
C LYS B 299 -22.67 -13.23 -9.29
N PRO B 300 -22.05 -12.27 -9.99
CA PRO B 300 -20.68 -11.86 -9.64
C PRO B 300 -20.62 -11.29 -8.23
N LEU B 301 -19.61 -11.72 -7.48
CA LEU B 301 -19.41 -11.20 -6.14
C LEU B 301 -18.70 -9.85 -6.13
N GLY B 302 -17.95 -9.54 -7.18
CA GLY B 302 -17.08 -8.38 -7.12
C GLY B 302 -15.71 -8.77 -6.60
N ALA B 303 -15.12 -7.94 -5.74
CA ALA B 303 -13.90 -8.36 -5.04
C ALA B 303 -14.28 -9.30 -3.90
N VAL B 304 -13.33 -10.17 -3.51
CA VAL B 304 -13.61 -11.16 -2.48
C VAL B 304 -12.52 -11.12 -1.40
N ALA B 305 -12.87 -11.69 -0.23
CA ALA B 305 -11.96 -11.66 0.91
C ALA B 305 -10.88 -12.74 0.83
N LEU B 306 -11.12 -13.79 0.04
CA LEU B 306 -10.17 -14.89 -0.09
C LEU B 306 -9.03 -14.48 -1.00
N LYS B 307 -7.81 -14.41 -0.46
CA LYS B 307 -6.66 -13.92 -1.22
C LYS B 307 -6.47 -14.67 -2.53
N SER B 308 -6.45 -16.02 -2.48
CA SER B 308 -6.19 -16.80 -3.68
C SER B 308 -7.15 -16.43 -4.81
N TYR B 309 -8.46 -16.38 -4.53
CA TYR B 309 -9.41 -16.13 -5.60
C TYR B 309 -9.45 -14.65 -5.98
N GLU B 310 -9.27 -13.74 -5.02
CA GLU B 310 -9.24 -12.32 -5.35
C GLU B 310 -8.08 -12.02 -6.31
N GLU B 311 -6.94 -12.69 -6.13
CA GLU B 311 -5.79 -12.47 -6.99
C GLU B 311 -6.08 -12.89 -8.43
N GLU B 312 -6.81 -14.01 -8.59
CA GLU B 312 -7.29 -14.36 -9.92
C GLU B 312 -8.34 -13.38 -10.43
N LEU B 313 -9.30 -13.00 -9.58
CA LEU B 313 -10.37 -12.10 -10.04
C LEU B 313 -9.82 -10.74 -10.45
N ALA B 314 -8.77 -10.27 -9.78
CA ALA B 314 -8.24 -8.93 -10.04
C ALA B 314 -7.42 -8.86 -11.32
N LYS B 315 -7.40 -9.93 -12.13
CA LYS B 315 -6.90 -9.75 -13.48
C LYS B 315 -7.84 -8.88 -14.30
N ASP B 316 -9.12 -8.89 -13.93
CA ASP B 316 -10.10 -7.91 -14.34
C ASP B 316 -9.76 -6.62 -13.62
N PRO B 317 -9.30 -5.56 -14.32
CA PRO B 317 -8.87 -4.32 -13.64
C PRO B 317 -9.99 -3.59 -12.91
N ARG B 318 -11.25 -3.83 -13.27
CA ARG B 318 -12.36 -3.26 -12.50
C ARG B 318 -12.40 -3.81 -11.08
N ILE B 319 -12.18 -5.13 -10.92
CA ILE B 319 -12.09 -5.75 -9.60
C ILE B 319 -10.91 -5.17 -8.83
N ALA B 320 -9.74 -5.06 -9.50
CA ALA B 320 -8.56 -4.51 -8.83
C ALA B 320 -8.85 -3.13 -8.26
N ALA B 321 -9.54 -2.28 -9.02
CA ALA B 321 -9.85 -0.92 -8.56
C ALA B 321 -10.87 -0.95 -7.44
N THR B 322 -11.87 -1.83 -7.50
CA THR B 322 -12.78 -2.00 -6.38
C THR B 322 -11.99 -2.30 -5.09
N MET B 323 -11.03 -3.21 -5.16
CA MET B 323 -10.30 -3.59 -3.96
C MET B 323 -9.37 -2.48 -3.50
N GLU B 324 -8.70 -1.83 -4.45
CA GLU B 324 -7.83 -0.72 -4.09
C GLU B 324 -8.62 0.42 -3.43
N ASN B 325 -9.79 0.77 -3.97
CA ASN B 325 -10.60 1.79 -3.31
C ASN B 325 -11.09 1.33 -1.94
N ALA B 326 -11.38 0.04 -1.80
CA ALA B 326 -11.78 -0.49 -0.50
C ALA B 326 -10.65 -0.34 0.50
N GLN B 327 -9.43 -0.68 0.09
CA GLN B 327 -8.32 -0.63 1.02
C GLN B 327 -7.96 0.80 1.40
N LYS B 328 -8.30 1.78 0.57
CA LYS B 328 -8.15 3.17 0.98
C LYS B 328 -9.35 3.68 1.76
N GLY B 329 -10.45 2.92 1.76
CA GLY B 329 -11.67 3.37 2.37
C GLY B 329 -11.78 3.02 3.85
N GLU B 330 -13.00 3.14 4.34
CA GLU B 330 -13.34 3.06 5.75
C GLU B 330 -14.36 1.93 5.85
N ILE B 331 -14.09 0.97 6.72
CA ILE B 331 -15.05 -0.11 6.90
C ILE B 331 -16.31 0.45 7.53
N MET B 332 -17.46 0.09 6.98
CA MET B 332 -18.72 0.57 7.50
C MET B 332 -18.90 0.13 8.95
N PRO B 333 -19.15 1.06 9.88
CA PRO B 333 -19.44 0.65 11.26
C PRO B 333 -20.61 -0.33 11.35
N ASN B 334 -20.45 -1.36 12.19
CA ASN B 334 -21.42 -2.45 12.31
C ASN B 334 -22.36 -2.25 13.49
N ILE B 335 -22.75 -1.00 13.76
CA ILE B 335 -23.55 -0.71 14.94
C ILE B 335 -24.82 -0.01 14.50
N PRO B 336 -25.93 -0.12 15.23
CA PRO B 336 -27.16 0.54 14.79
C PRO B 336 -27.11 2.07 14.82
N GLN B 337 -26.13 2.69 15.48
CA GLN B 337 -26.07 4.15 15.46
C GLN B 337 -25.76 4.72 14.09
N MET B 338 -25.29 3.88 13.15
CA MET B 338 -25.09 4.32 11.78
C MET B 338 -26.34 4.94 11.18
N SER B 339 -27.53 4.56 11.64
CA SER B 339 -28.72 5.15 11.02
C SER B 339 -28.88 6.61 11.44
N ALA B 340 -28.35 6.99 12.61
CA ALA B 340 -28.30 8.41 12.94
C ALA B 340 -27.26 9.13 12.09
N PHE B 341 -26.12 8.49 11.86
CA PHE B 341 -25.10 9.08 10.97
C PHE B 341 -25.66 9.28 9.56
N TRP B 342 -26.29 8.25 8.98
CA TRP B 342 -26.78 8.34 7.62
C TRP B 342 -27.79 9.47 7.46
N TYR B 343 -28.77 9.53 8.36
CA TYR B 343 -29.79 10.58 8.28
C TYR B 343 -29.16 11.96 8.38
N ALA B 344 -28.25 12.15 9.34
CA ALA B 344 -27.72 13.47 9.60
C ALA B 344 -26.85 13.98 8.46
N VAL B 345 -26.02 13.11 7.88
CA VAL B 345 -25.21 13.52 6.74
C VAL B 345 -26.10 13.72 5.51
N ARG B 346 -27.15 12.90 5.37
CA ARG B 346 -28.07 13.08 4.25
C ARG B 346 -28.71 14.47 4.28
N THR B 347 -29.22 14.87 5.45
CA THR B 347 -29.76 16.21 5.61
C THR B 347 -28.72 17.29 5.31
N ALA B 348 -27.47 17.06 5.71
CA ALA B 348 -26.49 18.12 5.59
C ALA B 348 -26.09 18.34 4.14
N VAL B 349 -25.93 17.26 3.38
CA VAL B 349 -25.48 17.38 2.01
C VAL B 349 -26.57 18.03 1.16
N ILE B 350 -27.81 17.56 1.27
CA ILE B 350 -28.87 18.17 0.45
C ILE B 350 -29.05 19.62 0.82
N ASN B 351 -28.94 19.96 2.12
CA ASN B 351 -29.14 21.34 2.54
C ASN B 351 -28.03 22.23 2.03
N ALA B 352 -26.78 21.76 2.10
CA ALA B 352 -25.66 22.54 1.58
C ALA B 352 -25.71 22.64 0.08
N ALA B 353 -25.98 21.52 -0.61
CA ALA B 353 -26.03 21.54 -2.07
C ALA B 353 -27.08 22.51 -2.59
N SER B 354 -28.18 22.69 -1.86
CA SER B 354 -29.28 23.53 -2.30
C SER B 354 -29.17 24.97 -1.80
N GLY B 355 -28.12 25.29 -1.04
CA GLY B 355 -27.97 26.64 -0.54
C GLY B 355 -28.89 27.00 0.61
N ARG B 356 -29.67 26.02 1.11
CA ARG B 356 -30.54 26.25 2.26
C ARG B 356 -29.76 26.57 3.53
N GLN B 357 -28.51 26.11 3.61
CA GLN B 357 -27.59 26.32 4.71
C GLN B 357 -26.19 26.43 4.13
N THR B 358 -25.30 27.08 4.86
CA THR B 358 -23.90 26.98 4.50
C THR B 358 -23.34 25.60 4.88
N VAL B 359 -22.25 25.21 4.21
CA VAL B 359 -21.55 23.97 4.53
C VAL B 359 -21.24 23.90 6.01
N ASP B 360 -20.78 25.02 6.58
CA ASP B 360 -20.38 25.02 7.98
C ASP B 360 -21.58 24.75 8.89
N GLU B 361 -22.69 25.45 8.65
CA GLU B 361 -23.88 25.26 9.47
C GLU B 361 -24.46 23.86 9.30
N ALA B 362 -24.45 23.34 8.07
CA ALA B 362 -25.08 22.05 7.81
C ALA B 362 -24.36 20.93 8.58
N LEU B 363 -23.03 20.96 8.63
CA LEU B 363 -22.30 19.89 9.31
C LEU B 363 -22.29 20.09 10.82
N LYS B 364 -22.31 21.34 11.30
CA LYS B 364 -22.52 21.57 12.73
C LYS B 364 -23.88 21.04 13.17
N ASP B 365 -24.91 21.32 12.37
CA ASP B 365 -26.24 20.77 12.63
C ASP B 365 -26.22 19.25 12.59
N ALA B 366 -25.49 18.68 11.62
CA ALA B 366 -25.47 17.22 11.49
C ALA B 366 -24.93 16.57 12.75
N GLN B 367 -23.84 17.13 13.29
CA GLN B 367 -23.27 16.57 14.51
C GLN B 367 -24.26 16.67 15.66
N THR B 368 -24.96 17.80 15.75
CA THR B 368 -25.94 18.01 16.81
C THR B 368 -27.12 17.06 16.66
N ASN B 369 -27.65 16.91 15.45
CA ASN B 369 -28.77 16.00 15.22
C ASN B 369 -28.39 14.54 15.52
N ALA B 370 -27.24 14.08 15.03
CA ALA B 370 -26.88 12.69 15.20
C ALA B 370 -26.72 12.34 16.67
N ALA B 371 -26.09 13.22 17.43
CA ALA B 371 -25.91 13.01 18.86
C ALA B 371 -27.27 12.88 19.56
N ALA B 372 -28.19 13.81 19.27
CA ALA B 372 -29.50 13.74 19.91
C ALA B 372 -30.31 12.55 19.41
N HIS B 373 -30.14 12.17 18.14
CA HIS B 373 -30.87 11.04 17.58
C HIS B 373 -30.41 9.73 18.22
N MET B 374 -29.12 9.58 18.46
CA MET B 374 -28.60 8.37 19.13
C MET B 374 -29.10 8.28 20.57
N ASP B 375 -29.11 9.40 21.30
CA ASP B 375 -29.62 9.39 22.67
C ASP B 375 -31.06 8.94 22.72
N GLN B 376 -31.91 9.53 21.87
CA GLN B 376 -33.33 9.22 21.90
C GLN B 376 -33.59 7.78 21.45
N SER B 377 -32.82 7.28 20.48
CA SER B 377 -33.02 5.91 20.04
C SER B 377 -32.63 4.92 21.14
N ARG B 378 -31.53 5.19 21.86
CA ARG B 378 -31.17 4.35 23.00
C ARG B 378 -32.25 4.45 24.07
N ALA B 379 -32.69 5.67 24.38
CA ALA B 379 -33.67 5.89 25.43
C ALA B 379 -34.95 5.11 25.16
N LEU B 380 -35.43 5.17 23.92
CA LEU B 380 -36.63 4.42 23.57
C LEU B 380 -36.41 2.92 23.60
N ARG B 381 -35.21 2.44 23.29
CA ARG B 381 -34.96 1.01 23.42
C ARG B 381 -35.04 0.53 24.87
N ASN B 382 -34.92 1.45 25.83
CA ASN B 382 -35.05 1.15 27.25
C ASN B 382 -36.34 1.71 27.82
N ALA B 383 -37.36 1.86 26.97
CA ALA B 383 -38.60 2.55 27.34
C ALA B 383 -39.35 1.78 28.42
N ILE B 384 -40.06 2.54 29.26
CA ILE B 384 -41.01 2.00 30.21
C ILE B 384 -42.37 2.66 29.98
N LEU B 385 -43.42 1.96 30.36
CA LEU B 385 -44.77 2.53 30.31
C LEU B 385 -44.92 3.57 31.42
N ALA B 386 -45.37 4.77 31.03
CA ALA B 386 -45.57 5.86 31.97
C ALA B 386 -46.62 6.82 31.41
N TRP B 387 -47.36 7.43 32.32
CA TRP B 387 -48.45 8.32 32.00
C TRP B 387 -47.95 9.71 31.66
N THR B 388 -48.65 10.36 30.74
CA THR B 388 -48.38 11.75 30.44
C THR B 388 -49.74 12.41 30.20
N PRO B 389 -50.09 13.42 31.00
CA PRO B 389 -49.34 13.98 32.13
C PRO B 389 -49.33 13.06 33.34
N PRO B 390 -48.23 13.08 34.10
CA PRO B 390 -48.10 12.12 35.22
C PRO B 390 -49.09 12.36 36.34
N GLN B 391 -49.65 13.56 36.48
CA GLN B 391 -50.62 13.83 37.55
C GLN B 391 -52.00 14.13 37.00
N PRO B 392 -53.06 13.73 37.73
CA PRO B 392 -53.00 12.99 38.99
C PRO B 392 -52.54 11.55 38.79
N ARG B 393 -52.19 10.86 39.87
CA ARG B 393 -51.62 9.53 39.75
C ARG B 393 -52.63 8.58 39.12
N LYS B 394 -52.26 8.01 37.98
CA LYS B 394 -53.13 7.09 37.25
C LYS B 394 -52.63 5.66 37.45
N ILE B 395 -53.40 4.69 36.92
CA ILE B 395 -53.17 3.29 37.20
C ILE B 395 -51.79 2.85 36.71
N ASN B 396 -51.10 2.08 37.53
CA ASN B 396 -49.84 1.43 37.19
C ASN B 396 -50.19 -0.03 36.90
N ILE B 397 -50.25 -0.38 35.61
CA ILE B 397 -50.76 -1.69 35.24
C ILE B 397 -49.74 -2.78 35.55
N MET B 398 -48.55 -2.40 36.01
CA MET B 398 -47.61 -3.42 36.48
C MET B 398 -48.04 -4.00 37.81
N GLU B 399 -48.67 -3.18 38.67
CA GLU B 399 -49.12 -3.62 39.98
C GLU B 399 -50.62 -3.77 40.11
N THR B 400 -51.41 -3.22 39.20
CA THR B 400 -52.87 -3.31 39.31
C THR B 400 -53.47 -3.66 37.96
N LEU B 401 -54.13 -4.82 37.91
CA LEU B 401 -54.83 -5.21 36.69
C LEU B 401 -55.97 -4.24 36.40
N PRO B 402 -56.04 -3.67 35.20
CA PRO B 402 -57.15 -2.76 34.87
C PRO B 402 -58.48 -3.49 34.67
N GLN B 403 -59.56 -2.78 34.96
CA GLN B 403 -60.90 -3.29 34.74
C GLN B 403 -61.11 -3.50 33.27
N PRO B 404 -61.91 -4.51 32.90
CA PRO B 404 -62.55 -5.46 33.80
C PRO B 404 -61.77 -6.74 34.05
N LEU B 405 -60.43 -6.72 33.92
CA LEU B 405 -59.67 -7.96 34.11
C LEU B 405 -59.95 -8.61 35.48
N PRO B 406 -59.95 -7.88 36.61
CA PRO B 406 -60.34 -8.55 37.87
C PRO B 406 -61.72 -9.17 37.81
N GLN B 407 -62.67 -8.54 37.10
CA GLN B 407 -63.99 -9.15 36.95
C GLN B 407 -63.91 -10.45 36.14
N ILE B 408 -63.23 -10.41 34.98
CA ILE B 408 -63.11 -11.63 34.19
C ILE B 408 -62.41 -12.72 34.99
N LEU B 409 -61.50 -12.34 35.88
CA LEU B 409 -60.74 -13.30 36.66
C LEU B 409 -61.57 -13.94 37.77
N SER B 410 -62.71 -13.35 38.16
CA SER B 410 -63.59 -13.92 39.17
C SER B 410 -64.67 -14.83 38.58
N GLU B 411 -64.67 -15.07 37.28
CA GLU B 411 -65.67 -15.90 36.62
C GLU B 411 -65.43 -17.39 36.80
N GLY B 412 -64.25 -17.80 37.23
CA GLY B 412 -64.00 -19.19 37.58
C GLY B 412 -63.35 -20.04 36.52
N TRP B 413 -62.84 -19.45 35.44
CA TRP B 413 -62.16 -20.20 34.40
C TRP B 413 -60.74 -19.72 34.12
N LEU B 414 -60.37 -18.54 34.61
CA LEU B 414 -59.14 -17.87 34.25
C LEU B 414 -58.42 -17.46 35.52
N GLU B 415 -57.10 -17.62 35.54
CA GLU B 415 -56.29 -17.25 36.68
C GLU B 415 -55.18 -16.31 36.25
N VAL B 416 -54.63 -15.57 37.20
CA VAL B 416 -53.48 -14.75 36.88
C VAL B 416 -52.39 -14.95 37.93
N ARG B 417 -51.13 -14.85 37.47
CA ARG B 417 -49.96 -14.75 38.33
C ARG B 417 -49.07 -13.61 37.84
N ALA B 418 -48.47 -12.89 38.78
CA ALA B 418 -47.35 -12.01 38.45
C ALA B 418 -46.25 -12.77 37.74
N ASP B 419 -45.75 -12.19 36.65
CA ASP B 419 -44.66 -12.70 35.84
C ASP B 419 -43.54 -11.65 35.82
N PRO B 420 -42.28 -12.09 35.71
CA PRO B 420 -41.18 -11.12 35.64
C PRO B 420 -41.33 -10.13 34.49
N ARG B 421 -42.09 -10.47 33.46
CA ARG B 421 -42.30 -9.60 32.31
C ARG B 421 -43.70 -9.00 32.26
N GLY B 422 -44.43 -9.06 33.37
CA GLY B 422 -45.79 -8.53 33.40
C GLY B 422 -46.77 -9.41 34.16
N TRP B 423 -47.64 -10.10 33.41
CA TRP B 423 -48.69 -10.93 34.00
C TRP B 423 -48.89 -12.18 33.16
N LEU B 424 -49.06 -13.31 33.84
CA LEU B 424 -49.29 -14.60 33.20
C LEU B 424 -50.73 -15.01 33.49
N LEU B 425 -51.54 -15.06 32.44
CA LEU B 425 -52.92 -15.48 32.52
C LEU B 425 -52.97 -16.95 32.11
N ILE B 426 -53.71 -17.73 32.87
CA ILE B 426 -53.84 -19.15 32.65
C ILE B 426 -55.26 -19.67 32.72
N PHE B 427 -55.61 -20.50 31.79
CA PHE B 427 -56.91 -21.13 31.80
C PHE B 427 -56.81 -22.61 31.54
N THR B 428 -57.52 -23.40 32.31
CA THR B 428 -57.50 -24.82 32.12
C THR B 428 -58.12 -25.03 30.79
N SER B 429 -57.58 -25.97 30.05
CA SER B 429 -58.07 -26.21 28.74
C SER B 429 -59.22 -27.14 28.65
N ASP B 430 -59.60 -27.73 29.75
CA ASP B 430 -60.64 -28.76 29.67
C ASP B 430 -61.98 -28.21 29.20
N GLY B 431 -62.43 -27.11 29.80
CA GLY B 431 -63.69 -26.54 29.35
C GLY B 431 -63.58 -25.64 28.14
N ALA B 432 -62.35 -25.25 27.78
CA ALA B 432 -62.13 -24.31 26.68
C ALA B 432 -62.26 -24.97 25.31
N PHE B 433 -61.95 -26.26 25.19
CA PHE B 433 -61.91 -26.86 23.87
C PHE B 433 -62.82 -28.07 23.83
N ALA B 434 -63.51 -28.24 22.70
CA ALA B 434 -64.13 -29.53 22.39
C ALA B 434 -63.12 -30.65 22.64
N THR B 435 -63.60 -31.75 23.23
CA THR B 435 -62.73 -32.84 23.66
C THR B 435 -61.79 -33.27 22.53
N GLY B 436 -60.50 -33.21 22.81
CA GLY B 436 -59.49 -33.61 21.83
C GLY B 436 -59.48 -32.81 20.54
N GLN B 437 -59.98 -31.57 20.55
CA GLN B 437 -60.04 -30.73 19.37
C GLN B 437 -59.45 -29.35 19.68
N SER B 438 -59.16 -28.61 18.60
CA SER B 438 -58.58 -27.27 18.71
C SER B 438 -59.62 -26.16 18.56
N LYS B 439 -60.85 -26.50 18.21
CA LYS B 439 -61.96 -25.55 18.22
C LYS B 439 -62.34 -25.17 19.64
N LEU B 440 -62.64 -23.89 19.84
CA LEU B 440 -63.18 -23.46 21.13
C LEU B 440 -64.55 -24.11 21.36
N SER B 441 -64.78 -24.52 22.61
CA SER B 441 -66.04 -25.15 22.98
C SER B 441 -67.20 -24.16 22.88
N GLU B 442 -68.41 -24.71 22.69
CA GLU B 442 -69.61 -23.87 22.62
C GLU B 442 -69.75 -22.99 23.85
N GLU B 443 -69.50 -23.55 25.04
CA GLU B 443 -69.67 -22.77 26.25
C GLU B 443 -68.71 -21.58 26.28
N PHE B 444 -67.49 -21.77 25.75
CA PHE B 444 -66.55 -20.67 25.65
C PHE B 444 -66.98 -19.67 24.58
N LYS B 445 -67.45 -20.17 23.43
CA LYS B 445 -67.99 -19.29 22.39
C LYS B 445 -69.14 -18.45 22.92
N LYS B 446 -70.13 -19.11 23.52
CA LYS B 446 -71.35 -18.39 23.84
C LYS B 446 -71.15 -17.39 24.97
N LYS B 447 -70.21 -17.61 25.88
CA LYS B 447 -69.94 -16.59 26.88
C LYS B 447 -68.83 -15.62 26.44
N ARG B 448 -68.31 -15.78 25.23
CA ARG B 448 -67.31 -14.85 24.66
C ARG B 448 -66.10 -14.69 25.58
N ASN B 449 -65.71 -15.79 26.24
CA ASN B 449 -64.62 -15.76 27.21
C ASN B 449 -63.35 -15.16 26.63
N ILE B 450 -62.90 -15.68 25.47
CA ILE B 450 -61.64 -15.23 24.91
C ILE B 450 -61.78 -13.86 24.27
N GLU B 451 -62.91 -13.61 23.59
CA GLU B 451 -63.12 -12.31 22.95
C GLU B 451 -63.19 -11.21 24.00
N ARG B 452 -63.84 -11.47 25.13
CA ARG B 452 -63.96 -10.46 26.16
C ARG B 452 -62.61 -10.22 26.83
N LEU B 453 -61.80 -11.27 27.00
CA LEU B 453 -60.47 -11.07 27.55
C LEU B 453 -59.64 -10.21 26.61
N GLY B 454 -59.74 -10.46 25.30
CA GLY B 454 -59.05 -9.62 24.35
C GLY B 454 -59.56 -8.19 24.37
N GLU B 455 -60.88 -8.00 24.51
CA GLU B 455 -61.38 -6.63 24.58
C GLU B 455 -60.96 -5.96 25.87
N ALA B 456 -60.80 -6.71 26.96
CA ALA B 456 -60.25 -6.10 28.17
C ALA B 456 -58.79 -5.71 28.01
N LEU B 457 -58.06 -6.38 27.11
CA LEU B 457 -56.66 -6.02 26.88
C LEU B 457 -56.50 -4.92 25.83
N ALA B 458 -57.48 -4.76 24.94
CA ALA B 458 -57.38 -3.81 23.84
C ALA B 458 -57.00 -2.39 24.24
N PRO B 459 -57.54 -1.81 25.31
CA PRO B 459 -57.16 -0.42 25.65
C PRO B 459 -55.74 -0.25 26.16
N TRP B 460 -54.97 -1.32 26.33
CA TRP B 460 -53.70 -1.22 27.05
C TRP B 460 -52.56 -1.74 26.18
N PRO B 461 -51.33 -1.25 26.39
CA PRO B 461 -50.18 -1.78 25.64
C PRO B 461 -49.81 -3.18 26.10
N GLY B 462 -48.97 -3.85 25.31
CA GLY B 462 -48.36 -5.10 25.71
C GLY B 462 -48.48 -6.26 24.74
N ASP B 463 -47.36 -6.81 24.30
CA ASP B 463 -47.41 -8.01 23.47
C ASP B 463 -47.98 -9.18 24.27
N LEU B 464 -48.53 -10.15 23.55
CA LEU B 464 -49.14 -11.34 24.12
C LEU B 464 -48.46 -12.58 23.53
N GLU B 465 -48.08 -13.53 24.39
CA GLU B 465 -47.59 -14.83 23.98
C GLU B 465 -48.57 -15.88 24.50
N VAL B 466 -49.14 -16.65 23.59
CA VAL B 466 -50.07 -17.72 23.93
C VAL B 466 -49.31 -19.03 23.83
N ILE B 467 -49.32 -19.78 24.90
CA ILE B 467 -48.62 -21.04 24.97
C ILE B 467 -49.52 -22.17 25.39
N GLY B 468 -49.71 -23.13 24.51
CA GLY B 468 -50.51 -24.30 24.79
C GLY B 468 -49.79 -25.47 25.44
N HIS B 469 -50.41 -26.09 26.43
CA HIS B 469 -49.84 -27.23 27.13
C HIS B 469 -50.83 -28.36 27.27
N THR B 470 -50.33 -29.57 27.25
CA THR B 470 -51.14 -30.76 27.47
C THR B 470 -50.51 -31.58 28.59
N ASP B 471 -51.29 -32.52 29.10
CA ASP B 471 -50.75 -33.53 29.99
C ASP B 471 -50.05 -34.63 29.20
N ASN B 472 -49.81 -35.76 29.86
CA ASN B 472 -49.20 -36.92 29.22
C ASN B 472 -49.72 -38.17 29.92
N LYS B 473 -50.33 -39.07 29.17
CA LYS B 473 -50.95 -40.25 29.76
C LYS B 473 -50.13 -41.51 29.51
N PRO B 474 -50.36 -42.56 30.29
CA PRO B 474 -49.73 -43.86 29.98
C PRO B 474 -50.04 -44.42 28.59
N TYR B 475 -50.95 -43.80 27.84
CA TYR B 475 -51.27 -44.18 26.44
C TYR B 475 -50.05 -44.47 25.60
N ASN B 480 -47.19 -39.67 21.77
CA ASN B 480 -46.61 -38.45 22.30
C ASN B 480 -46.73 -37.26 21.34
N ASN B 481 -46.45 -37.52 20.08
CA ASN B 481 -46.43 -36.52 19.02
C ASN B 481 -47.74 -35.85 18.77
N SER B 482 -48.82 -36.52 19.10
CA SER B 482 -50.11 -35.94 18.89
C SER B 482 -50.45 -34.80 19.83
N ASN B 483 -49.77 -34.69 20.96
CA ASN B 483 -50.08 -33.63 21.91
C ASN B 483 -49.38 -32.31 21.56
N LEU B 484 -48.21 -32.39 20.95
CA LEU B 484 -47.50 -31.16 20.57
C LEU B 484 -48.26 -30.41 19.49
N LYS B 485 -48.82 -31.12 18.52
CA LYS B 485 -49.61 -30.46 17.49
C LYS B 485 -50.94 -29.96 18.06
N LEU B 486 -51.58 -30.75 18.94
CA LEU B 486 -52.82 -30.30 19.56
C LEU B 486 -52.60 -29.01 20.35
N SER B 487 -51.50 -28.92 21.10
CA SER B 487 -51.21 -27.68 21.81
C SER B 487 -50.87 -26.53 20.86
N GLU B 488 -50.22 -26.82 19.73
CA GLU B 488 -49.92 -25.77 18.76
C GLU B 488 -51.22 -25.21 18.16
N ALA B 489 -52.12 -26.11 17.75
CA ALA B 489 -53.36 -25.66 17.13
C ALA B 489 -54.28 -24.97 18.13
N ARG B 490 -54.25 -25.39 19.39
CA ARG B 490 -55.08 -24.72 20.40
C ARG B 490 -54.56 -23.33 20.71
N ALA B 491 -53.23 -23.18 20.81
CA ALA B 491 -52.64 -21.88 21.05
C ALA B 491 -52.88 -20.96 19.86
N GLN B 492 -52.84 -21.51 18.65
CA GLN B 492 -53.15 -20.75 17.45
C GLN B 492 -54.59 -20.26 17.48
N THR B 493 -55.53 -21.15 17.85
CA THR B 493 -56.94 -20.77 17.94
C THR B 493 -57.16 -19.65 18.95
N VAL B 494 -56.48 -19.70 20.10
CA VAL B 494 -56.65 -18.64 21.10
C VAL B 494 -56.06 -17.33 20.58
N ALA B 495 -54.95 -17.39 19.85
CA ALA B 495 -54.26 -16.19 19.42
C ALA B 495 -55.01 -15.47 18.32
N ASP B 496 -55.48 -16.21 17.30
CA ASP B 496 -56.37 -15.67 16.28
C ASP B 496 -57.57 -14.95 16.89
N LYS B 497 -58.21 -15.58 17.88
CA LYS B 497 -59.38 -14.97 18.51
C LYS B 497 -59.00 -13.69 19.24
N LEU B 498 -57.86 -13.68 19.93
CA LEU B 498 -57.39 -12.43 20.56
C LEU B 498 -57.12 -11.35 19.52
N ARG B 499 -56.48 -11.72 18.40
CA ARG B 499 -56.20 -10.77 17.34
C ARG B 499 -57.47 -10.14 16.81
N GLU B 500 -58.50 -10.96 16.55
CA GLU B 500 -59.79 -10.41 16.09
C GLU B 500 -60.31 -9.36 17.05
N SER B 501 -60.14 -9.60 18.35
CA SER B 501 -60.74 -8.76 19.37
C SER B 501 -59.85 -7.60 19.75
N LEU B 502 -58.64 -7.54 19.21
CA LEU B 502 -57.76 -6.41 19.40
C LEU B 502 -57.78 -5.44 18.21
N ALA B 503 -58.65 -5.67 17.22
CA ALA B 503 -58.54 -4.92 15.97
C ALA B 503 -58.72 -3.42 16.17
N ASN B 504 -59.46 -3.01 17.20
CA ASN B 504 -59.67 -1.60 17.50
C ASN B 504 -58.62 -0.99 18.43
N SER B 505 -57.57 -1.73 18.78
CA SER B 505 -56.67 -1.27 19.83
C SER B 505 -55.89 -0.03 19.37
N LYS B 506 -55.63 0.88 20.32
CA LYS B 506 -54.73 2.00 20.06
C LYS B 506 -53.27 1.55 19.99
N TYR B 507 -52.97 0.36 20.48
CA TYR B 507 -51.60 -0.15 20.42
C TYR B 507 -51.48 -1.19 19.33
N ASN B 508 -50.35 -1.17 18.63
CA ASN B 508 -49.92 -2.34 17.89
C ASN B 508 -49.19 -3.28 18.86
N ARG B 509 -49.38 -4.57 18.67
CA ARG B 509 -48.66 -5.47 19.53
C ARG B 509 -48.39 -6.77 18.78
N THR B 510 -47.33 -7.44 19.20
CA THR B 510 -47.05 -8.78 18.72
C THR B 510 -47.95 -9.76 19.45
N VAL B 511 -48.57 -10.67 18.71
CA VAL B 511 -49.33 -11.77 19.30
C VAL B 511 -48.81 -13.06 18.69
N THR B 512 -48.10 -13.86 19.49
CA THR B 512 -47.58 -15.13 19.03
C THR B 512 -48.29 -16.27 19.74
N SER B 513 -48.28 -17.44 19.10
CA SER B 513 -48.76 -18.68 19.69
C SER B 513 -47.71 -19.78 19.55
N VAL B 514 -47.57 -20.59 20.60
CA VAL B 514 -46.57 -21.64 20.67
C VAL B 514 -47.21 -22.84 21.36
N GLY B 515 -47.13 -24.02 20.71
CA GLY B 515 -47.49 -25.26 21.36
C GLY B 515 -46.26 -25.86 22.01
N LYS B 516 -46.42 -26.33 23.24
CA LYS B 516 -45.29 -26.87 24.00
C LYS B 516 -45.52 -28.30 24.41
N GLY B 517 -46.49 -28.98 23.78
CA GLY B 517 -46.84 -30.34 24.11
C GLY B 517 -46.88 -30.59 25.61
N ASP B 518 -46.32 -31.72 26.02
CA ASP B 518 -46.22 -32.10 27.42
C ASP B 518 -44.87 -31.73 28.03
N GLN B 519 -44.07 -30.91 27.36
CA GLN B 519 -42.68 -30.73 27.75
C GLN B 519 -42.49 -29.81 28.96
N GLU B 520 -43.49 -29.07 29.36
CA GLU B 520 -43.33 -28.14 30.44
C GLU B 520 -44.43 -28.24 31.44
N PRO B 521 -44.44 -29.42 32.15
CA PRO B 521 -45.51 -29.54 33.15
C PRO B 521 -45.35 -28.79 34.44
N LEU B 522 -46.47 -28.65 35.11
CA LEU B 522 -46.54 -28.03 36.39
C LEU B 522 -46.65 -29.08 37.45
N ASP B 523 -47.03 -30.28 37.07
CA ASP B 523 -47.28 -31.31 38.05
C ASP B 523 -46.98 -32.67 37.46
N ASP B 524 -46.95 -33.66 38.35
CA ASP B 524 -46.67 -35.04 38.00
C ASP B 524 -47.73 -35.58 37.04
N ASN B 525 -47.31 -36.14 35.92
CA ASN B 525 -48.28 -36.72 35.02
C ASN B 525 -48.74 -38.11 35.43
N ALA B 526 -48.32 -38.60 36.61
CA ALA B 526 -48.74 -39.92 37.05
C ALA B 526 -50.10 -39.91 37.73
N THR B 527 -50.53 -38.79 38.30
CA THR B 527 -51.81 -38.75 38.98
C THR B 527 -52.86 -38.06 38.11
N GLU B 528 -54.13 -38.37 38.38
CA GLU B 528 -55.21 -37.72 37.67
C GLU B 528 -55.20 -36.21 37.92
N GLU B 529 -55.03 -35.82 39.19
CA GLU B 529 -55.05 -34.39 39.49
C GLU B 529 -53.86 -33.68 38.90
N GLY B 530 -52.73 -34.37 38.77
CA GLY B 530 -51.56 -33.75 38.18
C GLY B 530 -51.70 -33.53 36.69
N ARG B 531 -52.28 -34.51 35.98
CA ARG B 531 -52.58 -34.33 34.58
C ARG B 531 -53.57 -33.18 34.37
N ARG B 532 -54.51 -32.99 35.31
CA ARG B 532 -55.49 -31.93 35.15
C ARG B 532 -54.81 -30.57 35.15
N ARG B 533 -53.92 -30.34 36.09
CA ARG B 533 -53.20 -29.11 36.15
C ARG B 533 -52.30 -28.89 34.95
N ASN B 534 -51.87 -29.95 34.30
CA ASN B 534 -51.04 -29.83 33.11
C ASN B 534 -51.75 -29.39 31.84
N ARG B 535 -53.06 -29.56 31.80
CA ARG B 535 -53.86 -29.18 30.63
C ARG B 535 -54.35 -27.75 30.79
N ARG B 536 -53.63 -26.82 30.19
CA ARG B 536 -53.94 -25.42 30.29
C ARG B 536 -53.33 -24.57 29.20
N VAL B 537 -53.75 -23.33 29.16
CA VAL B 537 -53.23 -22.39 28.23
C VAL B 537 -52.72 -21.18 28.96
N ASP B 538 -51.53 -20.77 28.60
CA ASP B 538 -50.94 -19.61 29.18
C ASP B 538 -51.00 -18.43 28.24
N ILE B 539 -51.28 -17.27 28.75
CA ILE B 539 -51.18 -16.05 27.96
C ILE B 539 -50.30 -15.10 28.75
N LEU B 540 -49.07 -14.87 28.26
CA LEU B 540 -48.16 -13.94 28.87
C LEU B 540 -48.45 -12.54 28.35
N TRP B 541 -48.71 -11.62 29.25
CA TRP B 541 -48.95 -10.22 28.91
C TRP B 541 -47.70 -9.42 29.25
N LYS B 542 -46.96 -8.99 28.23
CA LYS B 542 -45.63 -8.39 28.41
C LYS B 542 -45.74 -6.87 28.43
N ILE B 543 -45.57 -6.28 29.61
CA ILE B 543 -45.75 -4.85 29.79
C ILE B 543 -44.51 -4.18 30.35
N GLY B 544 -43.41 -4.91 30.48
CA GLY B 544 -42.20 -4.35 31.08
C GLY B 544 -41.43 -5.41 31.85
N GLU B 545 -40.71 -4.94 32.89
CA GLU B 545 -39.80 -5.78 33.67
C GLU B 545 -39.98 -5.46 35.14
N ARG B 546 -40.57 -6.37 35.90
CA ARG B 546 -40.78 -6.12 37.32
C ARG B 546 -39.64 -6.66 38.17
C1 GOL C . -24.31 6.78 -12.14
O1 GOL C . -23.57 5.67 -12.64
C2 GOL C . -24.94 6.55 -10.76
O2 GOL C . -26.32 6.35 -10.93
C3 GOL C . -24.73 7.72 -9.79
O3 GOL C . -23.76 7.51 -8.78
#